data_1FFP
#
_entry.id   1FFP
#
_cell.length_a   47.013
_cell.length_b   66.897
_cell.length_c   80.414
_cell.angle_alpha   75.10
_cell.angle_beta   72.90
_cell.angle_gamma   69.28
#
_symmetry.space_group_name_H-M   'P 1'
#
loop_
_entity.id
_entity.type
_entity.pdbx_description
1 polymer 'H-2 CLASS I HISTOCOMPATIBILITY ANTIGEN, D-B, ALPHA CHAIN'
2 polymer 'BETA-2 MICROGLOBULIN BETA CHAIN'
3 polymer 'SYNTHETIC PEPTIDE WITH SEQUENCE SER-ALA-VAL-TYR-ASN-PHE-ALA-THR-MET'
4 water water
#
loop_
_entity_poly.entity_id
_entity_poly.type
_entity_poly.pdbx_seq_one_letter_code
_entity_poly.pdbx_strand_id
1 'polypeptide(L)'
;PHSMRYFETAVSRPGLEEPRYISVGYVDNKEFVRFDSDAENPRYEPRAPWMEQEGPEYWERETQKAKGQEQWFRVSLRNL
LGYYNQSAGGSHTLQQMSGCDLGSDWRLLRGYLQFAYEGRDYIALNEDLKTWTAADMAAQITRRKWEQSGAAEHYKAYLE
GECVEWLHRYLKNGNATLLRTDSPKAHVTHHPRSKGEVTLRCWALGFYPADITLTWQLNGEELTQDMELVETRPAGDGTF
QKWASVVVPLGKEQNYTCRVYHEGLPEPLTLRW
;
A,D
2 'polypeptide(L)'
;MIQKTPQIQVYSRHPPENGKPNILNCYVTQFHPPHIEIQMLKNGKKIPKVEMSDMSFSKDWSFYILAHTEFTPTETDTYA
CRVKHDSMAEPKTVYWDRDM
;
B,E
3 'polypeptide(L)' SAVYNFATM C,F
#
# COMPACT_ATOMS: atom_id res chain seq x y z
N PRO A 1 38.58 -32.57 -25.86
CA PRO A 1 37.60 -31.48 -26.07
C PRO A 1 38.27 -30.10 -26.00
N HIS A 2 39.53 -30.06 -26.42
CA HIS A 2 40.33 -28.84 -26.43
C HIS A 2 39.67 -27.64 -27.13
N SER A 3 40.27 -26.47 -26.97
CA SER A 3 39.75 -25.26 -27.58
C SER A 3 40.69 -24.07 -27.47
N MET A 4 40.56 -23.15 -28.43
CA MET A 4 41.36 -21.95 -28.44
C MET A 4 40.43 -20.75 -28.57
N ARG A 5 40.72 -19.69 -27.84
CA ARG A 5 39.89 -18.50 -27.87
C ARG A 5 40.69 -17.20 -27.68
N TYR A 6 40.25 -16.16 -28.37
CA TYR A 6 40.85 -14.83 -28.23
C TYR A 6 39.69 -13.92 -27.82
N PHE A 7 39.80 -13.36 -26.63
CA PHE A 7 38.80 -12.46 -26.08
C PHE A 7 39.36 -11.06 -26.21
N GLU A 8 38.83 -10.28 -27.14
CA GLU A 8 39.37 -8.94 -27.32
C GLU A 8 38.38 -7.89 -26.87
N THR A 9 38.92 -6.81 -26.32
CA THR A 9 38.09 -5.75 -25.81
C THR A 9 38.66 -4.38 -26.14
N ALA A 10 37.75 -3.46 -26.45
CA ALA A 10 38.13 -2.09 -26.73
C ALA A 10 37.17 -1.23 -25.93
N VAL A 11 37.70 -0.23 -25.24
CA VAL A 11 36.87 0.70 -24.46
C VAL A 11 37.32 2.13 -24.65
N SER A 12 36.36 3.02 -24.85
CA SER A 12 36.69 4.41 -25.03
C SER A 12 36.11 5.22 -23.88
N ARG A 13 36.91 6.17 -23.38
CA ARG A 13 36.49 7.08 -22.32
C ARG A 13 36.76 8.50 -22.85
N PRO A 14 36.05 9.51 -22.30
CA PRO A 14 36.29 10.88 -22.78
C PRO A 14 37.72 11.27 -22.47
N GLY A 15 38.31 12.10 -23.34
CA GLY A 15 39.68 12.51 -23.14
C GLY A 15 40.49 12.42 -24.43
N LEU A 16 41.75 12.80 -24.36
CA LEU A 16 42.62 12.78 -25.52
C LEU A 16 43.17 11.39 -25.77
N GLU A 17 42.88 10.47 -24.85
CA GLU A 17 43.37 9.10 -24.96
C GLU A 17 42.54 8.20 -25.88
N GLU A 18 43.24 7.51 -26.79
CA GLU A 18 42.63 6.58 -27.73
C GLU A 18 42.05 5.44 -26.86
N PRO A 19 41.01 4.73 -27.34
CA PRO A 19 40.46 3.66 -26.50
C PRO A 19 41.46 2.58 -26.06
N ARG A 20 41.19 1.95 -24.92
CA ARG A 20 42.07 0.91 -24.41
C ARG A 20 41.76 -0.43 -25.06
N TYR A 21 42.78 -1.07 -25.65
CA TYR A 21 42.59 -2.37 -26.28
C TYR A 21 43.22 -3.49 -25.48
N ILE A 22 42.45 -4.54 -25.22
CA ILE A 22 42.94 -5.69 -24.46
C ILE A 22 42.61 -7.01 -25.15
N SER A 23 43.62 -7.85 -25.35
CA SER A 23 43.38 -9.16 -25.96
C SER A 23 43.96 -10.26 -25.10
N VAL A 24 43.12 -11.22 -24.73
CA VAL A 24 43.55 -12.35 -23.90
C VAL A 24 43.31 -13.64 -24.67
N GLY A 25 44.36 -14.44 -24.82
CA GLY A 25 44.22 -15.69 -25.55
C GLY A 25 44.04 -16.86 -24.59
N TYR A 26 43.26 -17.85 -24.99
CA TYR A 26 43.02 -19.03 -24.17
C TYR A 26 43.16 -20.35 -24.92
N VAL A 27 43.82 -21.29 -24.25
CA VAL A 27 43.99 -22.65 -24.74
C VAL A 27 43.36 -23.45 -23.59
N ASP A 28 42.30 -24.17 -23.89
CA ASP A 28 41.60 -24.97 -22.89
C ASP A 28 41.30 -24.19 -21.61
N ASN A 29 40.68 -23.02 -21.79
CA ASN A 29 40.26 -22.15 -20.70
C ASN A 29 41.41 -21.63 -19.84
N LYS A 30 42.64 -21.84 -20.32
CA LYS A 30 43.81 -21.38 -19.61
C LYS A 30 44.45 -20.21 -20.38
N GLU A 31 44.62 -19.07 -19.73
CA GLU A 31 45.23 -17.94 -20.39
C GLU A 31 46.68 -18.22 -20.76
N PHE A 32 47.03 -18.01 -22.03
CA PHE A 32 48.40 -18.27 -22.46
C PHE A 32 49.07 -17.07 -23.09
N VAL A 33 48.27 -16.14 -23.59
CA VAL A 33 48.83 -14.93 -24.16
C VAL A 33 47.98 -13.73 -23.75
N ARG A 34 48.54 -12.53 -23.92
CA ARG A 34 47.82 -11.32 -23.55
C ARG A 34 48.51 -10.06 -24.07
N PHE A 35 47.70 -9.10 -24.51
CA PHE A 35 48.17 -7.82 -25.03
C PHE A 35 47.28 -6.74 -24.42
N ASP A 36 47.92 -5.69 -23.91
CA ASP A 36 47.21 -4.58 -23.25
C ASP A 36 47.80 -3.24 -23.73
N SER A 37 47.05 -2.49 -24.54
CA SER A 37 47.54 -1.22 -25.07
C SER A 37 48.03 -0.26 -24.00
N ASP A 38 47.59 -0.48 -22.77
CA ASP A 38 47.97 0.36 -21.63
C ASP A 38 49.35 0.06 -21.04
N ALA A 39 50.11 -0.84 -21.66
CA ALA A 39 51.43 -1.19 -21.13
C ALA A 39 52.47 -0.27 -21.74
N GLU A 40 53.60 -0.11 -21.04
CA GLU A 40 54.67 0.75 -21.53
C GLU A 40 55.19 0.35 -22.90
N ASN A 41 55.21 -0.94 -23.14
CA ASN A 41 55.67 -1.46 -24.42
C ASN A 41 54.69 -2.52 -24.88
N PRO A 42 53.57 -2.10 -25.50
CA PRO A 42 52.50 -2.98 -26.00
C PRO A 42 53.01 -4.10 -26.89
N ARG A 43 52.96 -5.31 -26.38
CA ARG A 43 53.41 -6.49 -27.09
C ARG A 43 52.70 -7.69 -26.45
N TYR A 44 52.33 -8.67 -27.26
CA TYR A 44 51.68 -9.89 -26.75
C TYR A 44 52.67 -10.50 -25.77
N GLU A 45 52.18 -11.09 -24.69
CA GLU A 45 53.07 -11.65 -23.67
C GLU A 45 52.70 -13.06 -23.23
N PRO A 46 53.73 -13.89 -22.94
CA PRO A 46 53.58 -15.29 -22.49
C PRO A 46 52.85 -15.30 -21.16
N ARG A 47 51.86 -16.17 -21.02
CA ARG A 47 51.12 -16.22 -19.77
C ARG A 47 51.05 -17.65 -19.26
N ALA A 48 51.81 -18.50 -19.92
CA ALA A 48 51.91 -19.91 -19.57
C ALA A 48 53.33 -20.24 -19.93
N PRO A 49 54.02 -20.98 -19.05
CA PRO A 49 55.41 -21.38 -19.27
C PRO A 49 55.69 -22.10 -20.60
N TRP A 50 54.73 -22.86 -21.11
CA TRP A 50 55.00 -23.56 -22.36
C TRP A 50 55.07 -22.63 -23.58
N MET A 51 54.61 -21.39 -23.43
CA MET A 51 54.64 -20.47 -24.57
C MET A 51 55.99 -19.85 -24.82
N GLU A 52 56.94 -20.08 -23.92
CA GLU A 52 58.28 -19.52 -24.08
C GLU A 52 59.10 -20.36 -25.06
N GLN A 53 58.44 -21.36 -25.62
CA GLN A 53 59.06 -22.24 -26.58
C GLN A 53 59.03 -21.52 -27.94
N GLU A 54 58.15 -20.52 -28.04
CA GLU A 54 58.01 -19.75 -29.27
C GLU A 54 59.10 -18.71 -29.39
N GLY A 55 59.56 -18.48 -30.62
CA GLY A 55 60.62 -17.52 -30.84
C GLY A 55 60.20 -16.07 -31.02
N PRO A 56 61.16 -15.14 -31.05
CA PRO A 56 60.92 -13.71 -31.22
C PRO A 56 60.00 -13.38 -32.40
N GLU A 57 60.20 -14.06 -33.52
CA GLU A 57 59.39 -13.80 -34.69
C GLU A 57 57.90 -14.10 -34.46
N TYR A 58 57.60 -15.04 -33.57
CA TYR A 58 56.21 -15.35 -33.28
C TYR A 58 55.61 -14.16 -32.53
N TRP A 59 56.31 -13.68 -31.51
CA TRP A 59 55.81 -12.55 -30.72
C TRP A 59 55.66 -11.26 -31.52
N GLU A 60 56.52 -11.05 -32.50
CA GLU A 60 56.41 -9.84 -33.31
C GLU A 60 55.15 -9.98 -34.17
N ARG A 61 55.09 -11.06 -34.93
CA ARG A 61 53.97 -11.33 -35.79
C ARG A 61 52.63 -11.14 -35.09
N GLU A 62 52.56 -11.57 -33.83
CA GLU A 62 51.31 -11.44 -33.06
C GLU A 62 51.07 -10.01 -32.58
N THR A 63 52.15 -9.34 -32.22
CA THR A 63 52.05 -7.97 -31.75
C THR A 63 51.57 -7.09 -32.89
N GLN A 64 52.00 -7.40 -34.12
CA GLN A 64 51.58 -6.61 -35.27
C GLN A 64 50.09 -6.82 -35.51
N LYS A 65 49.64 -8.05 -35.32
CA LYS A 65 48.25 -8.37 -35.50
C LYS A 65 47.44 -7.60 -34.45
N ALA A 66 47.96 -7.54 -33.23
CA ALA A 66 47.28 -6.80 -32.17
C ALA A 66 47.14 -5.34 -32.64
N LYS A 67 48.28 -4.74 -33.00
CA LYS A 67 48.34 -3.37 -33.49
C LYS A 67 47.20 -3.07 -34.47
N GLY A 68 47.03 -3.96 -35.46
CA GLY A 68 45.97 -3.80 -36.44
C GLY A 68 44.56 -3.99 -35.90
N GLN A 69 44.39 -4.88 -34.92
CA GLN A 69 43.09 -5.12 -34.31
C GLN A 69 42.67 -3.88 -33.53
N GLU A 70 43.66 -3.27 -32.90
CA GLU A 70 43.45 -2.05 -32.13
C GLU A 70 42.83 -0.96 -33.02
N GLN A 71 43.35 -0.81 -34.24
CA GLN A 71 42.83 0.19 -35.17
C GLN A 71 41.47 -0.23 -35.68
N TRP A 72 41.32 -1.52 -35.96
CA TRP A 72 40.07 -2.08 -36.44
C TRP A 72 39.00 -1.83 -35.37
N PHE A 73 39.38 -1.96 -34.10
CA PHE A 73 38.42 -1.73 -33.03
C PHE A 73 38.09 -0.26 -32.85
N ARG A 74 39.12 0.58 -32.73
CA ARG A 74 38.89 2.02 -32.55
C ARG A 74 38.08 2.58 -33.74
N VAL A 75 38.30 2.04 -34.93
CA VAL A 75 37.54 2.50 -36.10
C VAL A 75 36.10 1.99 -35.99
N SER A 76 35.95 0.69 -35.75
CA SER A 76 34.63 0.11 -35.63
C SER A 76 33.83 0.79 -34.55
N LEU A 77 34.47 1.05 -33.42
CA LEU A 77 33.82 1.72 -32.30
C LEU A 77 33.17 3.02 -32.78
N ARG A 78 33.87 3.78 -33.61
CA ARG A 78 33.31 5.03 -34.15
C ARG A 78 32.13 4.78 -35.08
N ASN A 79 32.19 3.77 -35.93
CA ASN A 79 31.07 3.49 -36.82
C ASN A 79 29.83 3.19 -36.00
N LEU A 80 29.97 2.42 -34.94
CA LEU A 80 28.84 2.09 -34.10
C LEU A 80 28.21 3.31 -33.44
N LEU A 81 29.02 4.28 -33.03
CA LEU A 81 28.46 5.50 -32.42
C LEU A 81 27.54 6.09 -33.46
N GLY A 82 27.95 5.98 -34.72
CA GLY A 82 27.15 6.52 -35.78
C GLY A 82 25.85 5.75 -35.95
N TYR A 83 25.97 4.44 -36.18
CA TYR A 83 24.81 3.57 -36.36
C TYR A 83 23.76 3.83 -35.30
N TYR A 84 24.20 3.90 -34.05
CA TYR A 84 23.32 4.10 -32.92
C TYR A 84 23.01 5.56 -32.58
N ASN A 85 23.52 6.50 -33.38
CA ASN A 85 23.27 7.92 -33.14
C ASN A 85 23.48 8.20 -31.65
N GLN A 86 24.64 7.78 -31.14
CA GLN A 86 24.96 7.98 -29.73
C GLN A 86 25.75 9.24 -29.52
N SER A 87 25.66 9.78 -28.31
CA SER A 87 26.36 11.01 -27.94
C SER A 87 27.79 10.72 -27.54
N ALA A 88 28.72 11.41 -28.18
CA ALA A 88 30.13 11.25 -27.86
C ALA A 88 30.28 12.00 -26.53
N GLY A 89 30.16 11.26 -25.43
CA GLY A 89 30.28 11.87 -24.12
C GLY A 89 30.50 10.86 -23.00
N GLY A 90 30.03 9.63 -23.20
CA GLY A 90 30.22 8.62 -22.18
C GLY A 90 31.31 7.64 -22.54
N SER A 91 31.06 6.36 -22.27
CA SER A 91 32.03 5.33 -22.59
C SER A 91 31.31 4.23 -23.36
N HIS A 92 32.07 3.43 -24.09
CA HIS A 92 31.47 2.37 -24.89
C HIS A 92 32.42 1.18 -24.96
N THR A 93 31.86 -0.01 -25.09
CA THR A 93 32.69 -1.20 -25.14
C THR A 93 32.36 -2.09 -26.31
N LEU A 94 33.40 -2.54 -26.99
CA LEU A 94 33.27 -3.44 -28.12
C LEU A 94 34.07 -4.70 -27.79
N GLN A 95 33.40 -5.85 -27.79
CA GLN A 95 34.01 -7.13 -27.48
C GLN A 95 33.90 -8.19 -28.56
N GLN A 96 34.90 -9.06 -28.62
CA GLN A 96 34.89 -10.13 -29.60
C GLN A 96 35.38 -11.42 -28.98
N MET A 97 34.76 -12.53 -29.38
CA MET A 97 35.19 -13.84 -28.93
C MET A 97 35.45 -14.62 -30.22
N SER A 98 36.64 -15.19 -30.33
CA SER A 98 36.99 -15.93 -31.53
C SER A 98 37.78 -17.15 -31.14
N GLY A 99 37.68 -18.19 -31.96
CA GLY A 99 38.39 -19.41 -31.67
C GLY A 99 37.75 -20.64 -32.25
N CYS A 100 38.22 -21.80 -31.81
CA CYS A 100 37.69 -23.03 -32.36
C CYS A 100 37.74 -24.20 -31.38
N ASP A 101 36.76 -25.09 -31.48
CA ASP A 101 36.73 -26.27 -30.61
C ASP A 101 37.26 -27.50 -31.33
N LEU A 102 37.99 -28.33 -30.61
CA LEU A 102 38.51 -29.56 -31.17
C LEU A 102 38.08 -30.73 -30.31
N GLY A 103 37.94 -31.89 -30.95
CA GLY A 103 37.61 -33.10 -30.22
C GLY A 103 38.96 -33.66 -29.80
N SER A 104 38.97 -34.66 -28.92
CA SER A 104 40.24 -35.23 -28.51
C SER A 104 40.95 -35.84 -29.71
N ASP A 105 40.20 -36.06 -30.79
CA ASP A 105 40.77 -36.63 -32.02
C ASP A 105 41.49 -35.58 -32.87
N TRP A 106 41.67 -34.37 -32.31
CA TRP A 106 42.31 -33.26 -33.00
C TRP A 106 41.41 -32.70 -34.12
N ARG A 107 40.19 -33.23 -34.20
CA ARG A 107 39.20 -32.84 -35.20
C ARG A 107 38.44 -31.57 -34.83
N LEU A 108 38.31 -30.65 -35.79
CA LEU A 108 37.60 -29.40 -35.54
C LEU A 108 36.14 -29.72 -35.33
N LEU A 109 35.53 -29.11 -34.31
CA LEU A 109 34.13 -29.36 -34.02
C LEU A 109 33.29 -28.14 -34.27
N ARG A 110 33.87 -26.96 -34.09
CA ARG A 110 33.11 -25.75 -34.26
C ARG A 110 33.97 -24.50 -34.28
N GLY A 111 33.48 -23.48 -34.96
CA GLY A 111 34.20 -22.23 -35.04
C GLY A 111 33.40 -21.15 -34.33
N TYR A 112 34.07 -20.15 -33.79
CA TYR A 112 33.38 -19.08 -33.10
C TYR A 112 33.86 -17.70 -33.53
N LEU A 113 32.91 -16.79 -33.77
CA LEU A 113 33.23 -15.43 -34.18
C LEU A 113 32.02 -14.57 -33.87
N GLN A 114 32.01 -13.96 -32.70
CA GLN A 114 30.88 -13.13 -32.35
C GLN A 114 31.31 -11.87 -31.64
N PHE A 115 30.48 -10.84 -31.74
CA PHE A 115 30.79 -9.54 -31.16
C PHE A 115 29.69 -8.99 -30.26
N ALA A 116 30.09 -8.15 -29.31
CA ALA A 116 29.14 -7.53 -28.40
C ALA A 116 29.40 -6.04 -28.33
N TYR A 117 28.33 -5.27 -28.21
CA TYR A 117 28.47 -3.83 -28.09
C TYR A 117 27.69 -3.39 -26.86
N GLU A 118 28.41 -2.78 -25.93
CA GLU A 118 27.81 -2.33 -24.68
C GLU A 118 27.36 -3.55 -23.86
N GLY A 119 28.02 -4.68 -24.09
CA GLY A 119 27.68 -5.88 -23.35
C GLY A 119 26.50 -6.69 -23.86
N ARG A 120 25.99 -6.37 -25.04
CA ARG A 120 24.87 -7.10 -25.62
C ARG A 120 25.25 -7.67 -26.98
N ASP A 121 24.84 -8.90 -27.25
CA ASP A 121 25.14 -9.55 -28.53
C ASP A 121 24.89 -8.58 -29.68
N TYR A 122 25.83 -8.53 -30.63
CA TYR A 122 25.68 -7.63 -31.77
C TYR A 122 25.56 -8.38 -33.09
N ILE A 123 26.65 -9.03 -33.51
CA ILE A 123 26.65 -9.75 -34.78
C ILE A 123 27.46 -11.04 -34.53
N ALA A 124 27.05 -12.15 -35.15
CA ALA A 124 27.74 -13.42 -34.94
C ALA A 124 27.76 -14.29 -36.18
N LEU A 125 28.90 -14.92 -36.42
CA LEU A 125 29.06 -15.82 -37.55
C LEU A 125 28.34 -17.08 -37.09
N ASN A 126 27.39 -17.55 -37.90
CA ASN A 126 26.66 -18.74 -37.56
C ASN A 126 27.61 -19.92 -37.60
N GLU A 127 27.16 -21.07 -37.13
CA GLU A 127 27.97 -22.27 -37.10
C GLU A 127 28.30 -22.78 -38.50
N ASP A 128 27.61 -22.28 -39.52
CA ASP A 128 27.90 -22.74 -40.88
C ASP A 128 29.07 -21.96 -41.46
N LEU A 129 29.65 -21.09 -40.62
CA LEU A 129 30.80 -20.27 -41.00
C LEU A 129 30.59 -19.52 -42.31
N LYS A 130 29.33 -19.26 -42.64
CA LYS A 130 28.99 -18.55 -43.87
C LYS A 130 27.96 -17.45 -43.69
N THR A 131 26.97 -17.68 -42.84
CA THR A 131 25.96 -16.65 -42.65
C THR A 131 26.04 -15.92 -41.31
N TRP A 132 25.45 -14.72 -41.25
CA TRP A 132 25.48 -13.89 -40.07
C TRP A 132 24.14 -13.75 -39.36
N THR A 133 24.20 -13.50 -38.06
CA THR A 133 22.99 -13.29 -37.25
C THR A 133 23.20 -11.93 -36.62
N ALA A 134 22.32 -10.98 -36.95
CA ALA A 134 22.44 -9.62 -36.44
C ALA A 134 21.39 -9.34 -35.40
N ALA A 135 21.83 -8.90 -34.23
CA ALA A 135 20.95 -8.60 -33.11
C ALA A 135 19.95 -7.48 -33.32
N ASP A 136 20.40 -6.32 -33.81
CA ASP A 136 19.48 -5.21 -34.00
C ASP A 136 19.69 -4.42 -35.30
N MET A 137 18.87 -3.40 -35.51
CA MET A 137 18.94 -2.57 -36.71
C MET A 137 20.34 -2.12 -37.09
N ALA A 138 21.16 -1.77 -36.10
CA ALA A 138 22.51 -1.34 -36.38
C ALA A 138 23.28 -2.50 -36.99
N ALA A 139 23.18 -3.66 -36.35
CA ALA A 139 23.85 -4.89 -36.78
C ALA A 139 23.49 -5.27 -38.20
N GLN A 140 22.30 -4.88 -38.65
CA GLN A 140 21.86 -5.17 -40.01
C GLN A 140 22.78 -4.44 -40.99
N ILE A 141 23.31 -3.30 -40.57
CA ILE A 141 24.20 -2.53 -41.41
C ILE A 141 25.52 -3.26 -41.56
N THR A 142 26.04 -3.76 -40.44
CA THR A 142 27.30 -4.48 -40.45
C THR A 142 27.11 -5.79 -41.24
N ARG A 143 25.98 -6.46 -41.03
CA ARG A 143 25.69 -7.72 -41.72
C ARG A 143 25.76 -7.50 -43.23
N ARG A 144 25.05 -6.49 -43.71
CA ARG A 144 25.04 -6.19 -45.13
C ARG A 144 26.47 -5.95 -45.58
N LYS A 145 27.19 -5.13 -44.82
CA LYS A 145 28.57 -4.79 -45.13
C LYS A 145 29.51 -6.00 -45.20
N TRP A 146 29.39 -6.94 -44.27
CA TRP A 146 30.26 -8.12 -44.28
C TRP A 146 29.87 -9.16 -45.32
N GLU A 147 28.63 -9.07 -45.80
CA GLU A 147 28.12 -9.98 -46.84
C GLU A 147 28.66 -9.58 -48.20
N GLN A 148 28.69 -8.28 -48.46
CA GLN A 148 29.15 -7.78 -49.75
C GLN A 148 30.66 -7.89 -49.90
N SER A 149 31.40 -7.75 -48.81
CA SER A 149 32.84 -7.88 -48.91
C SER A 149 33.24 -9.34 -48.75
N GLY A 150 32.29 -10.19 -48.42
CA GLY A 150 32.58 -11.61 -48.25
C GLY A 150 33.46 -11.86 -47.04
N ALA A 151 33.14 -11.17 -45.95
CA ALA A 151 33.91 -11.32 -44.72
C ALA A 151 33.98 -12.76 -44.21
N ALA A 152 32.84 -13.42 -44.08
CA ALA A 152 32.79 -14.80 -43.58
C ALA A 152 33.85 -15.76 -44.10
N GLU A 153 34.07 -15.80 -45.42
CA GLU A 153 35.08 -16.69 -45.99
C GLU A 153 36.44 -16.49 -45.33
N HIS A 154 36.69 -15.24 -44.95
CA HIS A 154 37.92 -14.82 -44.30
C HIS A 154 38.02 -15.41 -42.89
N TYR A 155 37.06 -15.10 -42.05
CA TYR A 155 37.09 -15.63 -40.69
C TYR A 155 36.99 -17.15 -40.77
N LYS A 156 36.21 -17.64 -41.72
CA LYS A 156 36.05 -19.07 -41.93
C LYS A 156 37.42 -19.70 -42.17
N ALA A 157 38.26 -19.01 -42.93
CA ALA A 157 39.59 -19.50 -43.22
C ALA A 157 40.45 -19.55 -41.95
N TYR A 158 40.27 -18.59 -41.06
CA TYR A 158 41.01 -18.58 -39.82
C TYR A 158 40.55 -19.73 -38.92
N LEU A 159 39.24 -19.88 -38.82
CA LEU A 159 38.63 -20.91 -38.00
C LEU A 159 38.96 -22.35 -38.37
N GLU A 160 38.97 -22.66 -39.67
CA GLU A 160 39.24 -24.03 -40.10
C GLU A 160 40.72 -24.24 -40.37
N GLY A 161 41.48 -23.16 -40.41
CA GLY A 161 42.90 -23.30 -40.67
C GLY A 161 43.79 -22.95 -39.49
N GLU A 162 44.24 -21.70 -39.49
CA GLU A 162 45.11 -21.15 -38.47
C GLU A 162 44.73 -21.62 -37.07
N CYS A 163 43.50 -21.33 -36.68
CA CYS A 163 43.01 -21.72 -35.37
C CYS A 163 43.29 -23.18 -35.07
N VAL A 164 42.96 -24.06 -36.02
CA VAL A 164 43.18 -25.50 -35.86
C VAL A 164 44.67 -25.86 -35.89
N GLU A 165 45.43 -25.30 -36.82
CA GLU A 165 46.86 -25.58 -36.90
C GLU A 165 47.62 -25.18 -35.64
N TRP A 166 47.49 -23.92 -35.25
CA TRP A 166 48.21 -23.42 -34.08
C TRP A 166 47.73 -24.02 -32.77
N LEU A 167 46.46 -24.38 -32.68
CA LEU A 167 45.97 -24.98 -31.46
C LEU A 167 46.60 -26.37 -31.29
N HIS A 168 46.89 -27.05 -32.40
CA HIS A 168 47.53 -28.37 -32.31
C HIS A 168 48.92 -28.16 -31.73
N ARG A 169 49.63 -27.17 -32.27
CA ARG A 169 50.98 -26.83 -31.83
C ARG A 169 51.04 -26.58 -30.32
N TYR A 170 50.25 -25.63 -29.82
CA TYR A 170 50.26 -25.34 -28.39
C TYR A 170 49.98 -26.59 -27.56
N LEU A 171 48.90 -27.30 -27.89
CA LEU A 171 48.54 -28.51 -27.18
C LEU A 171 49.73 -29.46 -27.11
N LYS A 172 50.53 -29.45 -28.15
CA LYS A 172 51.71 -30.30 -28.25
C LYS A 172 52.83 -29.84 -27.32
N ASN A 173 53.05 -28.53 -27.21
CA ASN A 173 54.09 -28.03 -26.33
C ASN A 173 53.58 -27.89 -24.92
N GLY A 174 52.28 -27.63 -24.80
CA GLY A 174 51.68 -27.42 -23.50
C GLY A 174 50.90 -28.54 -22.83
N ASN A 175 50.79 -29.71 -23.46
CA ASN A 175 50.05 -30.81 -22.83
C ASN A 175 50.65 -31.11 -21.46
N ALA A 176 51.98 -31.03 -21.39
CA ALA A 176 52.71 -31.26 -20.15
C ALA A 176 52.10 -30.39 -19.07
N THR A 177 52.18 -29.07 -19.24
CA THR A 177 51.62 -28.14 -18.27
C THR A 177 50.11 -28.33 -18.08
N LEU A 178 49.36 -28.24 -19.17
CA LEU A 178 47.90 -28.37 -19.19
C LEU A 178 47.32 -29.47 -18.29
N LEU A 179 47.87 -30.68 -18.41
CA LEU A 179 47.41 -31.84 -17.63
C LEU A 179 47.70 -31.76 -16.12
N ARG A 180 48.42 -30.74 -15.68
CA ARG A 180 48.75 -30.60 -14.26
C ARG A 180 47.56 -30.20 -13.39
N THR A 181 47.70 -30.47 -12.09
CA THR A 181 46.68 -30.18 -11.11
C THR A 181 47.29 -29.85 -9.75
N ASP A 182 46.46 -29.32 -8.87
CA ASP A 182 46.87 -28.98 -7.52
C ASP A 182 45.66 -29.40 -6.68
N SER A 183 45.81 -30.47 -5.91
CA SER A 183 44.73 -30.99 -5.05
C SER A 183 44.18 -30.01 -4.03
N PRO A 184 42.86 -29.97 -3.88
CA PRO A 184 42.27 -29.04 -2.91
C PRO A 184 42.52 -29.57 -1.50
N LYS A 185 42.83 -28.67 -0.58
CA LYS A 185 43.08 -29.03 0.81
C LYS A 185 41.87 -28.58 1.59
N ALA A 186 40.91 -29.48 1.79
CA ALA A 186 39.68 -29.14 2.48
C ALA A 186 39.79 -29.14 3.99
N HIS A 187 38.71 -28.70 4.64
CA HIS A 187 38.62 -28.66 6.09
C HIS A 187 37.27 -28.05 6.42
N VAL A 188 36.83 -28.18 7.67
CA VAL A 188 35.53 -27.66 8.09
C VAL A 188 35.62 -26.75 9.32
N THR A 189 34.90 -25.64 9.28
CA THR A 189 34.90 -24.71 10.40
C THR A 189 33.57 -24.72 11.13
N HIS A 190 33.62 -24.29 12.38
CA HIS A 190 32.45 -24.25 13.26
C HIS A 190 32.17 -22.81 13.65
N HIS A 191 30.95 -22.33 13.38
CA HIS A 191 30.60 -20.96 13.71
C HIS A 191 29.27 -20.89 14.43
N PRO A 192 29.30 -20.48 15.71
CA PRO A 192 28.15 -20.36 16.61
C PRO A 192 27.03 -19.49 16.09
N ARG A 193 27.00 -19.30 14.80
CA ARG A 193 26.01 -18.42 14.16
C ARG A 193 24.54 -18.74 14.52
N SER A 194 24.23 -18.77 15.79
CA SER A 194 22.81 -18.88 16.22
C SER A 194 22.75 -19.46 17.61
N LYS A 195 21.55 -19.70 18.08
CA LYS A 195 21.33 -20.37 19.36
C LYS A 195 20.55 -21.65 19.04
N GLY A 196 21.01 -22.78 19.57
CA GLY A 196 20.33 -24.03 19.27
C GLY A 196 20.55 -24.34 17.80
N GLU A 197 21.42 -23.56 17.18
CA GLU A 197 21.76 -23.71 15.76
C GLU A 197 23.19 -23.26 15.52
N VAL A 198 23.88 -23.94 14.61
CA VAL A 198 25.26 -23.64 14.28
C VAL A 198 25.51 -23.69 12.77
N THR A 199 26.62 -23.12 12.32
CA THR A 199 26.95 -23.10 10.91
C THR A 199 28.28 -23.78 10.64
N LEU A 200 28.24 -24.84 9.84
CA LEU A 200 29.43 -25.56 9.47
C LEU A 200 29.85 -25.07 8.10
N ARG A 201 31.15 -24.89 7.89
CA ARG A 201 31.62 -24.42 6.61
C ARG A 201 32.70 -25.35 6.12
N CYS A 202 32.52 -25.85 4.90
CA CYS A 202 33.50 -26.74 4.33
C CYS A 202 34.35 -25.86 3.45
N TRP A 203 35.67 -26.07 3.48
CA TRP A 203 36.60 -25.28 2.67
C TRP A 203 37.43 -26.10 1.70
N ALA A 204 37.68 -25.52 0.53
CA ALA A 204 38.51 -26.16 -0.48
C ALA A 204 39.51 -25.07 -0.87
N LEU A 205 40.77 -25.25 -0.55
CA LEU A 205 41.77 -24.22 -0.84
C LEU A 205 42.96 -24.67 -1.67
N GLY A 206 43.58 -23.70 -2.31
CA GLY A 206 44.75 -23.94 -3.13
C GLY A 206 44.60 -24.97 -4.23
N PHE A 207 43.37 -25.19 -4.71
CA PHE A 207 43.18 -26.18 -5.77
C PHE A 207 43.29 -25.61 -7.16
N TYR A 208 43.41 -26.51 -8.13
CA TYR A 208 43.54 -26.12 -9.52
C TYR A 208 43.43 -27.36 -10.39
N PRO A 209 42.74 -27.25 -11.55
CA PRO A 209 42.08 -26.05 -12.06
C PRO A 209 40.89 -25.61 -11.23
N ALA A 210 40.25 -24.52 -11.62
CA ALA A 210 39.11 -23.96 -10.92
C ALA A 210 37.94 -24.91 -10.76
N ASP A 211 37.80 -25.84 -11.71
CA ASP A 211 36.71 -26.83 -11.63
C ASP A 211 36.80 -27.54 -10.30
N ILE A 212 35.66 -27.72 -9.64
CA ILE A 212 35.62 -28.41 -8.35
C ILE A 212 34.17 -28.51 -7.93
N THR A 213 33.87 -29.49 -7.07
CA THR A 213 32.51 -29.64 -6.60
C THR A 213 32.47 -29.97 -5.10
N LEU A 214 31.71 -29.19 -4.34
CA LEU A 214 31.60 -29.39 -2.89
C LEU A 214 30.18 -29.81 -2.57
N THR A 215 29.99 -30.67 -1.58
CA THR A 215 28.66 -31.10 -1.21
C THR A 215 28.53 -31.29 0.27
N TRP A 216 27.30 -31.22 0.75
CA TRP A 216 27.00 -31.43 2.15
C TRP A 216 25.95 -32.52 2.16
N GLN A 217 25.84 -33.22 3.29
CA GLN A 217 24.87 -34.30 3.43
C GLN A 217 24.87 -34.89 4.84
N LEU A 218 23.76 -34.70 5.56
CA LEU A 218 23.64 -35.28 6.88
C LEU A 218 23.31 -36.76 6.59
N ASN A 219 24.36 -37.53 6.38
CA ASN A 219 24.26 -38.96 5.99
C ASN A 219 22.85 -39.29 5.48
N GLY A 220 22.80 -39.46 4.16
CA GLY A 220 21.57 -39.77 3.43
C GLY A 220 21.55 -38.84 2.23
N GLU A 221 20.37 -38.36 1.83
CA GLU A 221 20.31 -37.46 0.68
C GLU A 221 21.14 -36.20 1.00
N GLU A 222 21.49 -35.45 -0.05
CA GLU A 222 22.27 -34.23 0.13
C GLU A 222 21.47 -33.06 0.65
N LEU A 223 22.17 -31.96 0.92
CA LEU A 223 21.54 -30.77 1.45
C LEU A 223 21.68 -29.54 0.57
N THR A 224 20.54 -29.03 0.12
CA THR A 224 20.49 -27.84 -0.71
C THR A 224 19.34 -26.99 -0.17
N GLN A 225 18.76 -27.51 0.91
CA GLN A 225 17.63 -26.84 1.58
C GLN A 225 18.13 -25.97 2.73
N ASP A 226 19.36 -25.50 2.58
CA ASP A 226 19.97 -24.56 3.53
C ASP A 226 21.47 -24.45 3.33
N MET A 227 21.92 -24.89 2.18
CA MET A 227 23.34 -24.84 1.87
C MET A 227 23.68 -23.61 1.05
N GLU A 228 24.71 -22.91 1.49
CA GLU A 228 25.19 -21.72 0.82
C GLU A 228 26.45 -22.15 0.09
N LEU A 229 26.65 -21.64 -1.13
CA LEU A 229 27.83 -22.01 -1.90
C LEU A 229 28.37 -20.85 -2.71
N VAL A 230 29.42 -20.20 -2.22
CA VAL A 230 29.98 -19.05 -2.94
C VAL A 230 30.62 -19.44 -4.27
N GLU A 231 30.75 -18.47 -5.16
CA GLU A 231 31.36 -18.70 -6.46
C GLU A 231 32.84 -18.99 -6.25
N THR A 232 33.36 -19.97 -6.98
CA THR A 232 34.77 -20.32 -6.86
C THR A 232 35.53 -19.02 -7.06
N ARG A 233 36.65 -18.84 -6.38
CA ARG A 233 37.42 -17.61 -6.54
C ARG A 233 38.92 -17.85 -6.49
N PRO A 234 39.69 -16.98 -7.15
CA PRO A 234 41.15 -17.03 -7.23
C PRO A 234 41.83 -16.64 -5.92
N ALA A 235 42.90 -17.36 -5.58
CA ALA A 235 43.66 -17.10 -4.36
C ALA A 235 44.60 -15.93 -4.64
N GLY A 236 44.99 -15.81 -5.90
CA GLY A 236 45.89 -14.75 -6.29
C GLY A 236 47.21 -15.33 -6.67
N ASP A 237 47.44 -16.58 -6.31
CA ASP A 237 48.69 -17.24 -6.61
C ASP A 237 48.61 -18.23 -7.79
N GLY A 238 47.46 -18.32 -8.44
CA GLY A 238 47.31 -19.24 -9.56
C GLY A 238 46.30 -20.33 -9.30
N THR A 239 46.00 -20.56 -8.02
CA THR A 239 45.03 -21.57 -7.61
C THR A 239 43.74 -20.88 -7.15
N PHE A 240 42.75 -21.68 -6.77
CA PHE A 240 41.49 -21.09 -6.35
C PHE A 240 40.97 -21.64 -5.03
N GLN A 241 39.87 -21.05 -4.56
CA GLN A 241 39.27 -21.43 -3.30
C GLN A 241 37.78 -21.46 -3.49
N LYS A 242 37.08 -22.10 -2.55
CA LYS A 242 35.62 -22.19 -2.61
C LYS A 242 35.12 -22.82 -1.32
N TRP A 243 33.90 -22.49 -0.94
CA TRP A 243 33.31 -23.06 0.25
C TRP A 243 31.83 -23.17 0.15
N ALA A 244 31.26 -23.88 1.10
CA ALA A 244 29.84 -24.09 1.19
C ALA A 244 29.60 -24.41 2.65
N SER A 245 28.48 -23.92 3.18
CA SER A 245 28.14 -24.14 4.57
C SER A 245 26.67 -24.53 4.66
N VAL A 246 26.25 -24.94 5.86
CA VAL A 246 24.85 -25.32 6.08
C VAL A 246 24.52 -25.12 7.55
N VAL A 247 23.31 -24.66 7.83
CA VAL A 247 22.91 -24.46 9.20
C VAL A 247 22.62 -25.84 9.79
N VAL A 248 23.06 -26.04 11.02
CA VAL A 248 22.90 -27.31 11.70
C VAL A 248 22.54 -27.10 13.15
N PRO A 249 21.69 -27.97 13.72
CA PRO A 249 21.32 -27.80 15.13
C PRO A 249 22.52 -28.09 16.05
N LEU A 250 22.85 -27.12 16.90
CA LEU A 250 23.98 -27.23 17.83
C LEU A 250 24.00 -28.58 18.53
N GLY A 251 25.10 -29.30 18.37
CA GLY A 251 25.22 -30.62 18.98
C GLY A 251 25.20 -31.76 17.97
N LYS A 252 24.88 -31.45 16.73
CA LYS A 252 24.81 -32.46 15.67
C LYS A 252 25.82 -32.12 14.58
N GLU A 253 26.48 -30.98 14.75
CA GLU A 253 27.47 -30.51 13.81
C GLU A 253 28.33 -31.63 13.28
N GLN A 254 28.91 -32.39 14.20
CA GLN A 254 29.78 -33.51 13.84
C GLN A 254 29.12 -34.58 13.01
N ASN A 255 27.79 -34.55 12.93
CA ASN A 255 27.06 -35.57 12.17
C ASN A 255 26.90 -35.32 10.68
N TYR A 256 27.34 -34.15 10.21
CA TYR A 256 27.24 -33.81 8.79
C TYR A 256 28.56 -34.06 8.07
N THR A 257 28.49 -34.56 6.85
CA THR A 257 29.70 -34.86 6.10
C THR A 257 29.82 -33.98 4.85
N CYS A 258 31.05 -33.62 4.51
CA CYS A 258 31.31 -32.80 3.32
C CYS A 258 32.15 -33.57 2.31
N ARG A 259 31.72 -33.56 1.05
CA ARG A 259 32.46 -34.28 0.02
C ARG A 259 33.04 -33.30 -1.00
N VAL A 260 34.32 -33.43 -1.30
CA VAL A 260 34.98 -32.55 -2.26
C VAL A 260 35.39 -33.31 -3.51
N TYR A 261 34.92 -32.83 -4.66
CA TYR A 261 35.20 -33.44 -5.95
C TYR A 261 36.10 -32.56 -6.81
N HIS A 262 37.29 -33.07 -7.11
CA HIS A 262 38.26 -32.35 -7.92
C HIS A 262 39.02 -33.46 -8.63
N GLU A 263 39.59 -33.21 -9.80
CA GLU A 263 40.30 -34.27 -10.52
C GLU A 263 41.80 -34.34 -10.23
N GLY A 264 42.28 -33.51 -9.32
CA GLY A 264 43.70 -33.56 -8.99
C GLY A 264 43.79 -34.49 -7.80
N LEU A 265 42.61 -34.82 -7.27
CA LEU A 265 42.43 -35.67 -6.10
C LEU A 265 42.19 -37.11 -6.57
N PRO A 266 43.08 -38.04 -6.19
CA PRO A 266 42.93 -39.45 -6.59
C PRO A 266 41.53 -40.00 -6.38
N GLU A 267 40.81 -39.42 -5.41
CA GLU A 267 39.46 -39.86 -5.10
C GLU A 267 38.69 -38.77 -4.36
N PRO A 268 37.35 -38.90 -4.26
CA PRO A 268 36.57 -37.88 -3.56
C PRO A 268 36.99 -37.76 -2.11
N LEU A 269 36.93 -36.54 -1.57
CA LEU A 269 37.30 -36.29 -0.19
C LEU A 269 36.06 -36.27 0.70
N THR A 270 36.15 -36.89 1.86
CA THR A 270 35.04 -36.91 2.81
C THR A 270 35.55 -36.23 4.09
N LEU A 271 34.76 -35.32 4.63
CA LEU A 271 35.17 -34.59 5.83
C LEU A 271 34.02 -34.30 6.77
N ARG A 272 34.35 -34.23 8.06
CA ARG A 272 33.41 -33.96 9.12
C ARG A 272 33.96 -32.85 10.00
N TRP A 273 33.10 -32.22 10.79
CA TRP A 273 33.55 -31.19 11.71
C TRP A 273 34.34 -31.96 12.75
N MET B 1 22.28 1.08 -19.70
CA MET B 1 22.14 0.53 -21.08
C MET B 1 23.49 0.07 -21.62
N ILE B 2 24.46 -0.07 -20.73
CA ILE B 2 25.82 -0.50 -21.07
C ILE B 2 26.42 -1.28 -19.89
N GLN B 3 25.59 -1.58 -18.88
CA GLN B 3 26.06 -2.24 -17.65
C GLN B 3 25.37 -3.49 -17.06
N LYS B 4 25.84 -3.85 -15.86
CA LYS B 4 25.34 -4.99 -15.08
C LYS B 4 26.00 -4.98 -13.67
N THR B 5 25.17 -5.03 -12.61
CA THR B 5 25.62 -4.98 -11.21
C THR B 5 26.74 -5.91 -10.74
N PRO B 6 27.86 -5.32 -10.31
CA PRO B 6 29.05 -6.04 -9.82
C PRO B 6 28.84 -6.86 -8.56
N GLN B 7 29.55 -7.98 -8.50
CA GLN B 7 29.51 -8.92 -7.38
C GLN B 7 30.86 -8.84 -6.68
N ILE B 8 30.83 -8.69 -5.37
CA ILE B 8 32.05 -8.56 -4.60
C ILE B 8 32.27 -9.67 -3.57
N GLN B 9 33.52 -10.09 -3.46
CA GLN B 9 33.92 -11.13 -2.52
C GLN B 9 35.27 -10.75 -1.90
N VAL B 10 35.27 -10.36 -0.63
CA VAL B 10 36.52 -10.00 0.06
C VAL B 10 37.03 -11.21 0.85
N TYR B 11 38.33 -11.46 0.80
CA TYR B 11 38.88 -12.60 1.50
C TYR B 11 40.40 -12.63 1.46
N SER B 12 41.00 -13.31 2.44
CA SER B 12 42.46 -13.40 2.51
C SER B 12 42.91 -14.64 1.74
N ARG B 13 44.09 -14.58 1.16
CA ARG B 13 44.59 -15.72 0.41
C ARG B 13 44.81 -16.90 1.35
N HIS B 14 45.56 -16.65 2.43
CA HIS B 14 45.86 -17.68 3.42
C HIS B 14 44.93 -17.54 4.61
N PRO B 15 44.57 -18.67 5.24
CA PRO B 15 43.68 -18.56 6.41
C PRO B 15 44.18 -17.47 7.36
N PRO B 16 43.29 -16.54 7.75
CA PRO B 16 43.59 -15.42 8.65
C PRO B 16 44.28 -15.77 9.98
N GLU B 17 45.45 -15.18 10.20
CA GLU B 17 46.22 -15.41 11.42
C GLU B 17 46.62 -14.08 12.07
N ASN B 18 45.93 -13.74 13.15
CA ASN B 18 46.21 -12.51 13.89
C ASN B 18 47.69 -12.21 13.95
N GLY B 19 48.07 -11.02 13.51
CA GLY B 19 49.47 -10.65 13.53
C GLY B 19 50.21 -11.14 12.32
N LYS B 20 50.02 -12.42 11.98
CA LYS B 20 50.69 -12.99 10.83
C LYS B 20 50.27 -12.31 9.52
N PRO B 21 51.25 -12.00 8.64
CA PRO B 21 51.00 -11.35 7.35
C PRO B 21 49.91 -12.07 6.57
N ASN B 22 49.50 -11.48 5.46
CA ASN B 22 48.44 -12.08 4.66
C ASN B 22 48.03 -11.13 3.53
N ILE B 23 47.47 -11.69 2.46
CA ILE B 23 47.04 -10.91 1.32
C ILE B 23 45.52 -10.81 1.28
N LEU B 24 45.01 -9.58 1.22
CA LEU B 24 43.57 -9.37 1.16
C LEU B 24 43.18 -9.29 -0.31
N ASN B 25 42.14 -10.03 -0.68
CA ASN B 25 41.67 -10.03 -2.05
C ASN B 25 40.28 -9.43 -2.14
N CYS B 26 40.00 -8.77 -3.25
CA CYS B 26 38.68 -8.22 -3.49
C CYS B 26 38.41 -8.65 -4.92
N TYR B 27 37.59 -9.69 -5.06
CA TYR B 27 37.24 -10.25 -6.36
C TYR B 27 35.96 -9.58 -6.84
N VAL B 28 36.06 -8.74 -7.86
CA VAL B 28 34.87 -8.07 -8.36
C VAL B 28 34.48 -8.76 -9.65
N THR B 29 33.19 -9.04 -9.81
CA THR B 29 32.76 -9.77 -10.97
C THR B 29 31.36 -9.44 -11.43
N GLN B 30 31.01 -9.92 -12.63
CA GLN B 30 29.67 -9.71 -13.19
C GLN B 30 29.40 -8.29 -13.65
N PHE B 31 30.43 -7.47 -13.78
CA PHE B 31 30.21 -6.08 -14.17
C PHE B 31 30.51 -5.78 -15.63
N HIS B 32 29.98 -4.65 -16.08
CA HIS B 32 30.13 -4.14 -17.42
C HIS B 32 29.40 -2.81 -17.29
N PRO B 33 29.92 -1.72 -17.88
CA PRO B 33 31.15 -1.54 -18.67
C PRO B 33 32.37 -1.91 -17.86
N PRO B 34 33.52 -2.06 -18.53
CA PRO B 34 34.74 -2.40 -17.81
C PRO B 34 35.46 -1.18 -17.21
N HIS B 35 34.67 -0.26 -16.65
CA HIS B 35 35.24 0.92 -15.99
C HIS B 35 34.78 0.67 -14.57
N ILE B 36 35.71 0.58 -13.65
CA ILE B 36 35.31 0.32 -12.29
C ILE B 36 36.35 0.91 -11.37
N GLU B 37 35.91 1.37 -10.21
CA GLU B 37 36.81 1.94 -9.23
C GLU B 37 36.73 1.09 -7.96
N ILE B 38 37.86 0.52 -7.58
CA ILE B 38 37.93 -0.34 -6.40
C ILE B 38 38.93 0.16 -5.38
N GLN B 39 38.52 0.21 -4.13
CA GLN B 39 39.38 0.64 -3.04
C GLN B 39 39.30 -0.35 -1.89
N MET B 40 40.39 -0.46 -1.16
CA MET B 40 40.43 -1.35 -0.01
C MET B 40 40.63 -0.50 1.25
N LEU B 41 39.64 -0.53 2.14
CA LEU B 41 39.68 0.26 3.36
C LEU B 41 40.20 -0.49 4.59
N LYS B 42 40.86 0.28 5.46
CA LYS B 42 41.38 -0.26 6.71
C LYS B 42 40.83 0.72 7.74
N ASN B 43 39.67 0.38 8.30
CA ASN B 43 39.02 1.25 9.27
C ASN B 43 38.52 2.48 8.52
N GLY B 44 37.74 2.26 7.45
CA GLY B 44 37.20 3.36 6.67
C GLY B 44 38.27 4.16 5.93
N LYS B 45 39.53 3.96 6.32
CA LYS B 45 40.68 4.66 5.73
C LYS B 45 41.26 3.94 4.53
N LYS B 46 41.17 4.59 3.37
CA LYS B 46 41.69 4.04 2.12
C LYS B 46 43.08 3.46 2.29
N ILE B 47 43.32 2.30 1.69
CA ILE B 47 44.63 1.66 1.76
C ILE B 47 45.41 2.00 0.50
N PRO B 48 46.62 2.55 0.64
CA PRO B 48 47.40 2.89 -0.55
C PRO B 48 47.82 1.60 -1.28
N LYS B 49 48.78 1.72 -2.19
CA LYS B 49 49.31 0.59 -2.96
C LYS B 49 48.38 -0.63 -3.01
N VAL B 50 47.24 -0.51 -3.70
CA VAL B 50 46.30 -1.64 -3.83
C VAL B 50 46.41 -2.22 -5.23
N GLU B 51 47.00 -3.39 -5.35
CA GLU B 51 47.20 -4.04 -6.66
C GLU B 51 45.95 -4.46 -7.42
N MET B 52 45.96 -4.17 -8.71
CA MET B 52 44.84 -4.55 -9.56
C MET B 52 45.36 -5.65 -10.43
N SER B 53 44.59 -6.73 -10.55
CA SER B 53 45.01 -7.83 -11.39
C SER B 53 44.62 -7.42 -12.78
N ASP B 54 44.85 -8.31 -13.75
CA ASP B 54 44.48 -8.00 -15.11
C ASP B 54 43.00 -8.37 -15.23
N MET B 55 42.28 -7.59 -16.03
CA MET B 55 40.86 -7.77 -16.23
C MET B 55 40.58 -8.86 -17.25
N SER B 56 39.39 -9.43 -17.20
CA SER B 56 39.04 -10.46 -18.14
C SER B 56 37.54 -10.51 -18.18
N PHE B 57 36.95 -11.17 -19.19
CA PHE B 57 35.50 -11.24 -19.24
C PHE B 57 34.99 -12.62 -19.58
N SER B 58 33.84 -12.97 -19.03
CA SER B 58 33.22 -14.26 -19.25
C SER B 58 32.46 -14.35 -20.57
N LYS B 59 32.05 -15.56 -20.93
CA LYS B 59 31.31 -15.77 -22.17
C LYS B 59 29.94 -15.10 -22.14
N ASP B 60 29.58 -14.52 -21.00
CA ASP B 60 28.32 -13.81 -20.91
C ASP B 60 28.67 -12.32 -21.10
N TRP B 61 29.92 -12.11 -21.50
CA TRP B 61 30.49 -10.78 -21.78
C TRP B 61 30.88 -9.93 -20.57
N SER B 62 30.33 -10.19 -19.39
CA SER B 62 30.67 -9.36 -18.23
C SER B 62 32.16 -9.50 -17.90
N PHE B 63 32.70 -8.54 -17.16
CA PHE B 63 34.11 -8.59 -16.82
C PHE B 63 34.34 -8.92 -15.34
N TYR B 64 35.53 -9.42 -15.04
CA TYR B 64 35.88 -9.73 -13.66
C TYR B 64 37.30 -9.25 -13.44
N ILE B 65 37.67 -9.04 -12.18
CA ILE B 65 39.00 -8.55 -11.87
C ILE B 65 39.33 -8.82 -10.42
N LEU B 66 40.62 -8.90 -10.11
CA LEU B 66 41.02 -9.14 -8.73
C LEU B 66 41.85 -7.98 -8.18
N ALA B 67 41.27 -7.24 -7.23
CA ALA B 67 41.99 -6.14 -6.58
C ALA B 67 42.63 -6.81 -5.37
N HIS B 68 43.85 -6.43 -5.01
CA HIS B 68 44.47 -7.07 -3.85
C HIS B 68 45.66 -6.33 -3.26
N THR B 69 45.86 -6.53 -1.96
CA THR B 69 46.94 -5.87 -1.26
C THR B 69 47.31 -6.65 0.00
N GLU B 70 48.53 -6.42 0.48
CA GLU B 70 49.00 -7.09 1.69
C GLU B 70 48.39 -6.43 2.93
N PHE B 71 48.02 -7.25 3.90
CA PHE B 71 47.43 -6.74 5.13
C PHE B 71 47.83 -7.64 6.29
N THR B 72 47.05 -7.57 7.37
CA THR B 72 47.30 -8.38 8.57
C THR B 72 46.07 -8.26 9.45
N PRO B 73 45.39 -9.38 9.71
CA PRO B 73 44.21 -9.29 10.56
C PRO B 73 44.61 -8.94 11.99
N THR B 74 43.64 -8.56 12.82
CA THR B 74 43.88 -8.22 14.22
C THR B 74 42.59 -7.82 14.94
N GLU B 75 42.06 -8.76 15.70
CA GLU B 75 40.85 -8.57 16.50
C GLU B 75 39.91 -7.43 16.16
N THR B 76 40.42 -6.19 16.19
CA THR B 76 39.59 -5.01 15.93
C THR B 76 39.99 -4.15 14.73
N ASP B 77 41.01 -4.57 13.98
CA ASP B 77 41.44 -3.79 12.83
C ASP B 77 40.55 -4.21 11.66
N THR B 78 39.49 -3.43 11.42
CA THR B 78 38.52 -3.71 10.36
C THR B 78 38.92 -3.38 8.92
N TYR B 79 38.69 -4.32 8.01
CA TYR B 79 39.00 -4.15 6.59
C TYR B 79 37.76 -4.18 5.70
N ALA B 80 37.89 -3.68 4.48
CA ALA B 80 36.76 -3.66 3.53
C ALA B 80 37.13 -3.41 2.07
N CYS B 81 36.15 -3.58 1.20
CA CYS B 81 36.36 -3.32 -0.21
C CYS B 81 35.24 -2.38 -0.64
N ARG B 82 35.60 -1.32 -1.36
CA ARG B 82 34.62 -0.35 -1.82
C ARG B 82 34.68 -0.25 -3.33
N VAL B 83 33.52 -0.44 -3.95
CA VAL B 83 33.38 -0.43 -5.39
C VAL B 83 32.37 0.59 -5.91
N LYS B 84 32.73 1.26 -6.99
CA LYS B 84 31.85 2.23 -7.64
C LYS B 84 31.75 1.82 -9.11
N HIS B 85 30.53 1.67 -9.60
CA HIS B 85 30.34 1.27 -10.98
C HIS B 85 29.15 2.01 -11.58
N ASP B 86 29.28 2.46 -12.82
CA ASP B 86 28.22 3.19 -13.49
C ASP B 86 26.96 2.33 -13.66
N SER B 87 26.75 1.37 -12.76
CA SER B 87 25.58 0.52 -12.84
C SER B 87 24.79 0.57 -11.54
N MET B 88 25.43 1.10 -10.51
CA MET B 88 24.81 1.25 -9.20
C MET B 88 24.76 2.73 -8.84
N ALA B 89 23.64 3.16 -8.26
CA ALA B 89 23.49 4.56 -7.90
C ALA B 89 24.44 5.04 -6.81
N GLU B 90 25.14 4.11 -6.15
CA GLU B 90 26.08 4.46 -5.08
C GLU B 90 27.11 3.36 -4.87
N PRO B 91 28.33 3.72 -4.44
CA PRO B 91 29.35 2.70 -4.23
C PRO B 91 28.93 1.67 -3.19
N LYS B 92 29.30 0.42 -3.44
CA LYS B 92 28.99 -0.69 -2.56
C LYS B 92 30.21 -0.97 -1.71
N THR B 93 30.00 -1.13 -0.41
CA THR B 93 31.10 -1.39 0.50
C THR B 93 30.85 -2.71 1.23
N VAL B 94 31.73 -3.69 1.04
CA VAL B 94 31.59 -4.96 1.72
C VAL B 94 32.76 -5.18 2.66
N TYR B 95 32.44 -5.63 3.87
CA TYR B 95 33.43 -5.87 4.90
C TYR B 95 33.89 -7.30 4.98
N TRP B 96 35.18 -7.47 5.21
CA TRP B 96 35.78 -8.78 5.33
C TRP B 96 35.24 -9.52 6.56
N ASP B 97 35.18 -10.84 6.45
CA ASP B 97 34.68 -11.67 7.54
C ASP B 97 35.56 -12.90 7.56
N ARG B 98 36.67 -12.85 8.30
CA ARG B 98 37.61 -13.98 8.38
C ARG B 98 37.00 -15.37 8.19
N ASP B 99 35.74 -15.55 8.59
CA ASP B 99 35.05 -16.84 8.46
C ASP B 99 34.37 -17.01 7.10
N MET B 100 34.78 -16.20 6.12
CA MET B 100 34.21 -16.26 4.78
C MET B 100 35.23 -15.90 3.72
N SER C 1 47.42 -18.57 -32.39
CA SER C 1 47.69 -17.46 -33.34
C SER C 1 46.46 -16.56 -33.30
N ALA C 2 46.68 -15.25 -33.26
CA ALA C 2 45.55 -14.33 -33.18
C ALA C 2 44.84 -14.03 -34.51
N VAL C 3 43.53 -13.87 -34.43
CA VAL C 3 42.71 -13.55 -35.60
C VAL C 3 43.07 -12.16 -36.11
N TYR C 4 42.86 -11.93 -37.40
CA TYR C 4 43.09 -10.62 -37.99
C TYR C 4 41.75 -10.27 -38.62
N ASN C 5 41.03 -9.32 -38.04
CA ASN C 5 39.73 -8.95 -38.57
C ASN C 5 39.76 -8.44 -40.00
N PHE C 6 38.61 -8.51 -40.65
CA PHE C 6 38.47 -8.11 -42.03
C PHE C 6 37.86 -6.72 -42.10
N ALA C 7 36.72 -6.60 -42.78
CA ALA C 7 36.04 -5.34 -42.93
C ALA C 7 35.57 -4.87 -41.57
N THR C 8 35.82 -3.60 -41.27
CA THR C 8 35.41 -3.04 -40.00
C THR C 8 33.89 -3.17 -39.90
N MET C 9 33.32 -2.84 -38.74
CA MET C 9 31.89 -2.97 -38.60
C MET C 9 31.17 -1.91 -39.37
N PRO D 1 -29.88 29.64 27.96
CA PRO D 1 -31.30 29.36 27.60
C PRO D 1 -31.59 27.85 27.63
N HIS D 2 -30.89 27.14 28.52
CA HIS D 2 -31.05 25.70 28.67
C HIS D 2 -32.48 25.22 28.88
N SER D 3 -32.67 23.90 28.80
CA SER D 3 -33.98 23.31 28.98
C SER D 3 -33.95 21.80 29.11
N MET D 4 -34.96 21.26 29.77
CA MET D 4 -35.10 19.83 29.94
C MET D 4 -36.50 19.43 29.53
N ARG D 5 -36.61 18.30 28.83
CA ARG D 5 -37.90 17.83 28.36
C ARG D 5 -37.99 16.31 28.32
N TYR D 6 -39.19 15.80 28.62
CA TYR D 6 -39.47 14.37 28.54
C TYR D 6 -40.65 14.24 27.60
N PHE D 7 -40.41 13.57 26.49
CA PHE D 7 -41.41 13.35 25.45
C PHE D 7 -41.87 11.91 25.60
N GLU D 8 -43.08 11.71 26.12
CA GLU D 8 -43.53 10.36 26.31
C GLU D 8 -44.65 10.03 25.36
N THR D 9 -44.67 8.77 24.93
CA THR D 9 -45.66 8.31 23.99
C THR D 9 -46.19 6.93 24.34
N ALA D 10 -47.48 6.75 24.12
CA ALA D 10 -48.12 5.48 24.34
C ALA D 10 -48.97 5.22 23.09
N VAL D 11 -48.89 4.01 22.55
CA VAL D 11 -49.68 3.63 21.37
C VAL D 11 -50.26 2.25 21.52
N SER D 12 -51.54 2.12 21.21
CA SER D 12 -52.18 0.82 21.30
C SER D 12 -52.60 0.33 19.91
N ARG D 13 -52.36 -0.95 19.65
CA ARG D 13 -52.74 -1.58 18.40
C ARG D 13 -53.60 -2.81 18.79
N PRO D 14 -54.45 -3.29 17.87
CA PRO D 14 -55.27 -4.46 18.21
C PRO D 14 -54.36 -5.65 18.46
N GLY D 15 -54.77 -6.52 19.37
CA GLY D 15 -53.95 -7.68 19.70
C GLY D 15 -53.88 -7.91 21.19
N LEU D 16 -53.16 -8.94 21.59
CA LEU D 16 -53.02 -9.26 23.00
C LEU D 16 -51.93 -8.42 23.65
N GLU D 17 -51.22 -7.65 22.84
CA GLU D 17 -50.13 -6.81 23.32
C GLU D 17 -50.58 -5.50 23.94
N GLU D 18 -50.05 -5.20 25.14
CA GLU D 18 -50.35 -3.96 25.87
C GLU D 18 -49.75 -2.84 25.00
N PRO D 19 -50.27 -1.61 25.11
CA PRO D 19 -49.68 -0.55 24.28
C PRO D 19 -48.18 -0.31 24.43
N ARG D 20 -47.53 0.18 23.38
CA ARG D 20 -46.10 0.45 23.43
C ARG D 20 -45.81 1.80 24.08
N TYR D 21 -44.96 1.82 25.10
CA TYR D 21 -44.62 3.06 25.78
C TYR D 21 -43.19 3.49 25.50
N ILE D 22 -43.02 4.75 25.08
CA ILE D 22 -41.70 5.28 24.75
C ILE D 22 -41.47 6.63 25.42
N SER D 23 -40.34 6.76 26.12
CA SER D 23 -40.01 8.03 26.76
C SER D 23 -38.62 8.46 26.39
N VAL D 24 -38.51 9.66 25.84
CA VAL D 24 -37.22 10.22 25.42
C VAL D 24 -36.97 11.50 26.20
N GLY D 25 -35.82 11.57 26.86
CA GLY D 25 -35.51 12.76 27.63
C GLY D 25 -34.55 13.65 26.88
N TYR D 26 -34.71 14.96 27.06
CA TYR D 26 -33.85 15.94 26.39
C TYR D 26 -33.30 17.02 27.30
N VAL D 27 -32.02 17.32 27.10
CA VAL D 27 -31.32 18.37 27.79
C VAL D 27 -30.83 19.21 26.61
N ASP D 28 -31.28 20.46 26.55
CA ASP D 28 -30.89 21.35 25.47
C ASP D 28 -31.04 20.73 24.08
N ASN D 29 -32.23 20.18 23.83
CA ASN D 29 -32.57 19.56 22.55
C ASN D 29 -31.71 18.37 22.18
N LYS D 30 -30.92 17.89 23.14
CA LYS D 30 -30.06 16.75 22.92
C LYS D 30 -30.60 15.55 23.71
N GLU D 31 -30.83 14.44 23.03
CA GLU D 31 -31.35 13.26 23.72
C GLU D 31 -30.32 12.71 24.69
N PHE D 32 -30.73 12.53 25.95
CA PHE D 32 -29.79 12.01 26.94
C PHE D 32 -30.27 10.73 27.61
N VAL D 33 -31.57 10.52 27.60
CA VAL D 33 -32.10 9.30 28.17
C VAL D 33 -33.23 8.76 27.30
N ARG D 34 -33.60 7.50 27.52
CA ARG D 34 -34.65 6.88 26.73
C ARG D 34 -35.10 5.55 27.30
N PHE D 35 -36.40 5.30 27.23
CA PHE D 35 -37.02 4.07 27.71
C PHE D 35 -38.03 3.62 26.65
N ASP D 36 -37.98 2.34 26.29
CA ASP D 36 -38.83 1.76 25.26
C ASP D 36 -39.38 0.40 25.76
N SER D 37 -40.67 0.34 26.06
CA SER D 37 -41.28 -0.89 26.57
C SER D 37 -41.04 -2.09 25.67
N ASP D 38 -40.73 -1.83 24.41
CA ASP D 38 -40.48 -2.89 23.43
C ASP D 38 -39.09 -3.52 23.50
N ALA D 39 -38.30 -3.15 24.50
CA ALA D 39 -36.94 -3.69 24.62
C ALA D 39 -36.98 -4.96 25.46
N GLU D 40 -35.99 -5.84 25.27
CA GLU D 40 -35.93 -7.09 26.03
C GLU D 40 -35.90 -6.87 27.52
N ASN D 41 -35.23 -5.79 27.94
CA ASN D 41 -35.13 -5.47 29.36
C ASN D 41 -35.40 -3.97 29.51
N PRO D 42 -36.70 -3.58 29.55
CA PRO D 42 -37.15 -2.19 29.69
C PRO D 42 -36.52 -1.46 30.86
N ARG D 43 -35.63 -0.53 30.54
CA ARG D 43 -34.94 0.25 31.53
C ARG D 43 -34.49 1.53 30.82
N TYR D 44 -34.51 2.66 31.54
CA TYR D 44 -34.06 3.94 30.98
C TYR D 44 -32.60 3.72 30.58
N GLU D 45 -32.16 4.34 29.50
CA GLU D 45 -30.81 4.13 29.03
C GLU D 45 -30.06 5.43 28.68
N PRO D 46 -28.75 5.47 28.94
CA PRO D 46 -27.87 6.60 28.67
C PRO D 46 -27.83 6.86 27.18
N ARG D 47 -27.97 8.12 26.77
CA ARG D 47 -27.95 8.41 25.35
C ARG D 47 -26.96 9.52 25.06
N ALA D 48 -26.21 9.88 26.09
CA ALA D 48 -25.18 10.91 25.99
C ALA D 48 -24.13 10.40 26.94
N PRO D 49 -22.85 10.47 26.55
CA PRO D 49 -21.73 10.01 27.37
C PRO D 49 -21.65 10.62 28.78
N TRP D 50 -22.10 11.86 28.96
CA TRP D 50 -22.02 12.45 30.29
C TRP D 50 -23.02 11.83 31.29
N MET D 51 -23.99 11.07 30.80
CA MET D 51 -24.97 10.47 31.70
C MET D 51 -24.48 9.22 32.41
N GLU D 52 -23.31 8.72 32.01
CA GLU D 52 -22.76 7.52 32.63
C GLU D 52 -22.10 7.87 33.97
N GLN D 53 -22.21 9.13 34.35
CA GLN D 53 -21.66 9.62 35.60
C GLN D 53 -22.66 9.24 36.70
N GLU D 54 -23.90 8.96 36.29
CA GLU D 54 -24.94 8.59 37.22
C GLU D 54 -24.82 7.13 37.63
N GLY D 55 -25.14 6.85 38.90
CA GLY D 55 -25.02 5.49 39.40
C GLY D 55 -26.24 4.60 39.19
N PRO D 56 -26.10 3.30 39.48
CA PRO D 56 -27.16 2.32 39.34
C PRO D 56 -28.49 2.76 39.97
N GLU D 57 -28.41 3.33 41.17
CA GLU D 57 -29.61 3.74 41.86
C GLU D 57 -30.40 4.81 41.07
N TYR D 58 -29.70 5.62 40.28
CA TYR D 58 -30.38 6.63 39.49
C TYR D 58 -31.18 5.91 38.40
N TRP D 59 -30.55 5.01 37.68
CA TRP D 59 -31.23 4.27 36.62
C TRP D 59 -32.40 3.42 37.10
N GLU D 60 -32.33 2.88 38.32
CA GLU D 60 -33.44 2.09 38.83
C GLU D 60 -34.60 3.04 39.11
N ARG D 61 -34.33 4.06 39.91
CA ARG D 61 -35.33 5.04 40.28
C ARG D 61 -36.09 5.55 39.07
N GLU D 62 -35.38 5.77 37.95
CA GLU D 62 -36.01 6.29 36.73
C GLU D 62 -36.81 5.21 36.00
N THR D 63 -36.29 3.99 36.00
CA THR D 63 -36.95 2.88 35.36
C THR D 63 -38.27 2.59 36.08
N GLN D 64 -38.29 2.78 37.40
CA GLN D 64 -39.52 2.54 38.15
C GLN D 64 -40.54 3.59 37.80
N LYS D 65 -40.07 4.82 37.61
CA LYS D 65 -40.95 5.91 37.24
C LYS D 65 -41.52 5.61 35.87
N ALA D 66 -40.70 5.09 34.96
CA ALA D 66 -41.18 4.74 33.63
C ALA D 66 -42.30 3.71 33.79
N LYS D 67 -41.99 2.62 34.50
CA LYS D 67 -42.95 1.55 34.78
C LYS D 67 -44.32 2.11 35.16
N GLY D 68 -44.33 3.06 36.10
CA GLY D 68 -45.58 3.67 36.53
C GLY D 68 -46.24 4.56 35.49
N GLN D 69 -45.45 5.23 34.66
CA GLN D 69 -45.98 6.10 33.61
C GLN D 69 -46.67 5.23 32.57
N GLU D 70 -46.06 4.08 32.30
CA GLU D 70 -46.60 3.11 31.37
C GLU D 70 -48.03 2.71 31.77
N GLN D 71 -48.26 2.46 33.05
CA GLN D 71 -49.58 2.09 33.53
C GLN D 71 -50.50 3.27 33.50
N TRP D 72 -49.98 4.43 33.87
CA TRP D 72 -50.75 5.67 33.87
C TRP D 72 -51.20 5.95 32.42
N PHE D 73 -50.33 5.65 31.46
CA PHE D 73 -50.71 5.89 30.07
C PHE D 73 -51.72 4.85 29.58
N ARG D 74 -51.42 3.57 29.75
CA ARG D 74 -52.35 2.52 29.30
C ARG D 74 -53.73 2.70 29.97
N VAL D 75 -53.75 3.17 31.21
CA VAL D 75 -55.03 3.40 31.87
C VAL D 75 -55.71 4.62 31.26
N SER D 76 -54.96 5.71 31.15
CA SER D 76 -55.50 6.94 30.60
C SER D 76 -56.04 6.70 29.21
N LEU D 77 -55.26 5.97 28.41
CA LEU D 77 -55.64 5.65 27.04
C LEU D 77 -57.06 5.04 27.03
N ARG D 78 -57.36 4.15 27.96
CA ARG D 78 -58.67 3.54 28.04
C ARG D 78 -59.75 4.53 28.44
N ASN D 79 -59.45 5.44 29.36
CA ASN D 79 -60.47 6.42 29.73
C ASN D 79 -60.84 7.27 28.54
N LEU D 80 -59.84 7.65 27.74
CA LEU D 80 -60.12 8.48 26.58
C LEU D 80 -61.00 7.76 25.55
N LEU D 81 -60.81 6.45 25.36
CA LEU D 81 -61.67 5.70 24.43
C LEU D 81 -63.08 5.91 24.91
N GLY D 82 -63.24 5.93 26.23
CA GLY D 82 -64.56 6.11 26.79
C GLY D 82 -65.10 7.50 26.51
N TYR D 83 -64.35 8.50 26.94
CA TYR D 83 -64.76 9.89 26.75
C TYR D 83 -65.21 10.16 25.34
N TYR D 84 -64.43 9.67 24.38
CA TYR D 84 -64.70 9.85 22.96
C TYR D 84 -65.61 8.82 22.33
N ASN D 85 -66.13 7.88 23.14
CA ASN D 85 -67.03 6.85 22.62
C ASN D 85 -66.42 6.28 21.33
N GLN D 86 -65.16 5.90 21.39
CA GLN D 86 -64.46 5.36 20.22
C GLN D 86 -64.55 3.86 20.19
N SER D 87 -64.41 3.31 18.99
CA SER D 87 -64.48 1.87 18.77
C SER D 87 -63.14 1.21 19.03
N ALA D 88 -63.16 0.21 19.89
CA ALA D 88 -61.94 -0.52 20.19
C ALA D 88 -61.70 -1.40 18.97
N GLY D 89 -60.91 -0.88 18.02
CA GLY D 89 -60.64 -1.63 16.81
C GLY D 89 -59.44 -1.10 16.04
N GLY D 90 -59.15 0.19 16.20
CA GLY D 90 -58.02 0.78 15.50
C GLY D 90 -56.83 0.99 16.40
N SER D 91 -56.15 2.11 16.23
CA SER D 91 -55.00 2.43 17.06
C SER D 91 -55.19 3.84 17.60
N HIS D 92 -54.49 4.15 18.68
CA HIS D 92 -54.63 5.46 19.31
C HIS D 92 -53.31 5.88 19.93
N THR D 93 -53.07 7.17 19.99
CA THR D 93 -51.83 7.66 20.54
C THR D 93 -52.03 8.74 21.57
N LEU D 94 -51.31 8.59 22.69
CA LEU D 94 -51.35 9.55 23.78
C LEU D 94 -49.92 10.05 23.98
N GLN D 95 -49.75 11.38 23.87
CA GLN D 95 -48.43 12.01 24.02
C GLN D 95 -48.34 13.08 25.08
N GLN D 96 -47.16 13.21 25.67
CA GLN D 96 -46.95 14.19 26.70
C GLN D 96 -45.61 14.89 26.53
N MET D 97 -45.58 16.18 26.78
CA MET D 97 -44.34 16.92 26.74
C MET D 97 -44.22 17.59 28.10
N SER D 98 -43.11 17.37 28.78
CA SER D 98 -42.92 17.93 30.10
C SER D 98 -41.51 18.41 30.24
N GLY D 99 -41.32 19.42 31.08
CA GLY D 99 -39.98 19.96 31.27
C GLY D 99 -39.96 21.40 31.72
N CYS D 100 -38.80 22.01 31.65
CA CYS D 100 -38.68 23.37 32.12
C CYS D 100 -37.57 24.14 31.43
N ASP D 101 -37.78 25.45 31.25
CA ASP D 101 -36.78 26.29 30.62
C ASP D 101 -36.00 27.08 31.64
N LEU D 102 -34.71 27.23 31.41
CA LEU D 102 -33.85 27.99 32.31
C LEU D 102 -33.12 29.07 31.52
N GLY D 103 -32.81 30.17 32.20
CA GLY D 103 -32.06 31.23 31.57
C GLY D 103 -30.61 30.85 31.81
N SER D 104 -29.66 31.52 31.18
CA SER D 104 -28.27 31.19 31.40
C SER D 104 -27.92 31.44 32.86
N ASP D 105 -28.77 32.19 33.56
CA ASP D 105 -28.52 32.51 34.98
C ASP D 105 -28.99 31.35 35.89
N TRP D 106 -29.32 30.21 35.29
CA TRP D 106 -29.79 29.02 36.01
C TRP D 106 -31.20 29.24 36.57
N ARG D 107 -31.78 30.39 36.22
CA ARG D 107 -33.12 30.79 36.65
C ARG D 107 -34.25 30.13 35.84
N LEU D 108 -35.26 29.62 36.53
CA LEU D 108 -36.39 28.99 35.85
C LEU D 108 -37.16 30.05 35.11
N LEU D 109 -37.50 29.77 33.85
CA LEU D 109 -38.22 30.74 33.04
C LEU D 109 -39.64 30.27 32.74
N ARG D 110 -39.83 28.97 32.67
CA ARG D 110 -41.14 28.46 32.35
C ARG D 110 -41.26 26.97 32.53
N GLY D 111 -42.48 26.52 32.82
CA GLY D 111 -42.73 25.11 33.00
C GLY D 111 -43.62 24.61 31.90
N TYR D 112 -43.49 23.33 31.53
CA TYR D 112 -44.31 22.76 30.48
C TYR D 112 -44.95 21.45 30.88
N LEU D 113 -46.24 21.30 30.59
CA LEU D 113 -46.97 20.08 30.90
C LEU D 113 -48.19 20.03 30.00
N GLN D 114 -48.06 19.39 28.86
CA GLN D 114 -49.19 19.31 27.94
C GLN D 114 -49.31 17.95 27.32
N PHE D 115 -50.54 17.60 26.93
CA PHE D 115 -50.83 16.30 26.34
C PHE D 115 -51.55 16.37 25.01
N ALA D 116 -51.37 15.34 24.19
CA ALA D 116 -52.02 15.26 22.90
C ALA D 116 -52.66 13.90 22.73
N TYR D 117 -53.83 13.88 22.10
CA TYR D 117 -54.50 12.62 21.84
C TYR D 117 -54.79 12.56 20.34
N GLU D 118 -54.26 11.52 19.70
CA GLU D 118 -54.43 11.32 18.27
C GLU D 118 -53.72 12.44 17.53
N GLY D 119 -52.68 13.00 18.16
CA GLY D 119 -51.93 14.06 17.51
C GLY D 119 -52.51 15.47 17.60
N ARG D 120 -53.54 15.67 18.42
CA ARG D 120 -54.14 16.99 18.59
C ARG D 120 -54.12 17.42 20.05
N ASP D 121 -53.81 18.69 20.30
CA ASP D 121 -53.76 19.21 21.67
C ASP D 121 -54.95 18.72 22.47
N TYR D 122 -54.71 18.27 23.69
CA TYR D 122 -55.79 17.79 24.55
C TYR D 122 -56.00 18.64 25.80
N ILE D 123 -55.03 18.63 26.69
CA ILE D 123 -55.12 19.37 27.94
C ILE D 123 -53.72 19.91 28.22
N ALA D 124 -53.63 21.11 28.77
CA ALA D 124 -52.32 21.71 29.05
C ALA D 124 -52.32 22.56 30.29
N LEU D 125 -51.22 22.46 31.03
CA LEU D 125 -51.07 23.25 32.26
C LEU D 125 -50.66 24.60 31.73
N ASN D 126 -51.39 25.63 32.12
CA ASN D 126 -51.08 26.98 31.69
C ASN D 126 -49.75 27.38 32.29
N GLU D 127 -49.22 28.50 31.83
CA GLU D 127 -47.95 29.01 32.30
C GLU D 127 -47.99 29.42 33.78
N ASP D 128 -49.17 29.55 34.35
CA ASP D 128 -49.27 29.94 35.74
C ASP D 128 -49.13 28.71 36.64
N LEU D 129 -48.87 27.56 36.01
CA LEU D 129 -48.69 26.30 36.72
C LEU D 129 -49.81 26.00 37.71
N LYS D 130 -51.00 26.56 37.45
CA LYS D 130 -52.15 26.35 38.32
C LYS D 130 -53.44 26.04 37.58
N THR D 131 -53.65 26.68 36.43
CA THR D 131 -54.88 26.42 35.69
C THR D 131 -54.69 25.59 34.43
N TRP D 132 -55.78 24.95 33.98
CA TRP D 132 -55.75 24.09 32.80
C TRP D 132 -56.48 24.67 31.60
N THR D 133 -56.06 24.27 30.40
CA THR D 133 -56.70 24.67 29.16
C THR D 133 -57.07 23.37 28.48
N ALA D 134 -58.38 23.15 28.30
CA ALA D 134 -58.88 21.91 27.70
C ALA D 134 -59.34 22.14 26.28
N ALA D 135 -58.79 21.36 25.35
CA ALA D 135 -59.12 21.46 23.93
C ALA D 135 -60.57 21.17 23.56
N ASP D 136 -61.11 20.05 24.02
CA ASP D 136 -62.50 19.71 23.66
C ASP D 136 -63.32 19.13 24.80
N MET D 137 -64.58 18.81 24.51
CA MET D 137 -65.51 18.28 25.50
C MET D 137 -64.93 17.17 26.37
N ALA D 138 -64.15 16.29 25.77
CA ALA D 138 -63.56 15.19 26.51
C ALA D 138 -62.59 15.77 27.55
N ALA D 139 -61.71 16.66 27.08
CA ALA D 139 -60.72 17.32 27.93
C ALA D 139 -61.36 18.04 29.11
N GLN D 140 -62.61 18.46 28.97
CA GLN D 140 -63.30 19.14 30.04
C GLN D 140 -63.48 18.16 31.21
N ILE D 141 -63.57 16.88 30.88
CA ILE D 141 -63.75 15.87 31.91
C ILE D 141 -62.46 15.71 32.68
N THR D 142 -61.34 15.67 31.96
CA THR D 142 -60.04 15.53 32.59
C THR D 142 -59.74 16.79 33.40
N ARG D 143 -60.07 17.96 32.84
CA ARG D 143 -59.83 19.23 33.52
C ARG D 143 -60.53 19.23 34.87
N ARG D 144 -61.81 18.88 34.87
CA ARG D 144 -62.58 18.84 36.09
C ARG D 144 -61.89 17.89 37.07
N LYS D 145 -61.54 16.71 36.57
CA LYS D 145 -60.88 15.69 37.36
C LYS D 145 -59.55 16.14 37.99
N TRP D 146 -58.70 16.81 37.22
CA TRP D 146 -57.40 17.28 37.74
C TRP D 146 -57.53 18.50 38.66
N GLU D 147 -58.66 19.19 38.59
CA GLU D 147 -58.91 20.35 39.44
C GLU D 147 -59.31 19.92 40.83
N GLN D 148 -60.16 18.89 40.90
CA GLN D 148 -60.65 18.39 42.17
C GLN D 148 -59.58 17.64 42.95
N SER D 149 -58.68 16.95 42.26
CA SER D 149 -57.64 16.24 42.96
C SER D 149 -56.46 17.16 43.19
N GLY D 150 -56.50 18.36 42.61
CA GLY D 150 -55.41 19.30 42.78
C GLY D 150 -54.15 18.84 42.08
N ALA D 151 -54.32 18.29 40.87
CA ALA D 151 -53.19 17.81 40.10
C ALA D 151 -52.10 18.85 39.86
N ALA D 152 -52.47 20.04 39.37
CA ALA D 152 -51.49 21.10 39.08
C ALA D 152 -50.40 21.33 40.12
N GLU D 153 -50.77 21.42 41.41
CA GLU D 153 -49.77 21.64 42.46
C GLU D 153 -48.66 20.60 42.39
N HIS D 154 -49.05 19.40 41.98
CA HIS D 154 -48.16 18.26 41.84
C HIS D 154 -47.17 18.48 40.71
N TYR D 155 -47.67 18.67 39.50
CA TYR D 155 -46.79 18.90 38.36
C TYR D 155 -46.02 20.20 38.60
N LYS D 156 -46.69 21.17 39.20
CA LYS D 156 -46.06 22.44 39.54
C LYS D 156 -44.82 22.18 40.39
N ALA D 157 -44.94 21.26 41.34
CA ALA D 157 -43.82 20.92 42.21
C ALA D 157 -42.68 20.30 41.42
N TYR D 158 -42.99 19.51 40.40
CA TYR D 158 -41.96 18.90 39.59
C TYR D 158 -41.26 19.96 38.75
N LEU D 159 -42.05 20.84 38.17
CA LEU D 159 -41.55 21.90 37.30
C LEU D 159 -40.65 22.92 37.97
N GLU D 160 -41.01 23.35 39.18
CA GLU D 160 -40.20 24.35 39.89
C GLU D 160 -39.14 23.70 40.75
N GLY D 161 -39.24 22.39 40.94
CA GLY D 161 -38.26 21.72 41.78
C GLY D 161 -37.36 20.77 41.05
N GLU D 162 -37.76 19.50 41.05
CA GLU D 162 -37.05 18.42 40.42
C GLU D 162 -36.47 18.84 39.08
N CYS D 163 -37.33 19.25 38.17
CA CYS D 163 -36.91 19.67 36.84
C CYS D 163 -35.75 20.63 36.89
N VAL D 164 -35.87 21.67 37.72
CA VAL D 164 -34.82 22.67 37.88
C VAL D 164 -33.57 22.11 38.56
N GLU D 165 -33.74 21.35 39.64
CA GLU D 165 -32.60 20.76 40.34
C GLU D 165 -31.77 19.82 39.48
N TRP D 166 -32.44 18.84 38.86
CA TRP D 166 -31.74 17.87 38.03
C TRP D 166 -31.19 18.43 36.75
N LEU D 167 -31.84 19.45 36.21
CA LEU D 167 -31.33 20.05 34.99
C LEU D 167 -30.01 20.77 35.28
N HIS D 168 -29.88 21.31 36.50
CA HIS D 168 -28.63 22.01 36.86
C HIS D 168 -27.52 20.95 36.88
N ARG D 169 -27.82 19.82 37.50
CA ARG D 169 -26.89 18.72 37.62
C ARG D 169 -26.36 18.26 36.25
N TYR D 170 -27.26 17.88 35.36
CA TYR D 170 -26.83 17.43 34.02
C TYR D 170 -25.97 18.49 33.34
N LEU D 171 -26.47 19.73 33.30
CA LEU D 171 -25.73 20.82 32.68
C LEU D 171 -24.32 20.88 33.21
N LYS D 172 -24.18 20.57 34.50
CA LYS D 172 -22.90 20.58 35.19
C LYS D 172 -21.99 19.43 34.74
N ASN D 173 -22.55 18.24 34.55
CA ASN D 173 -21.74 17.10 34.12
C ASN D 173 -21.60 17.09 32.62
N GLY D 174 -22.62 17.62 31.94
CA GLY D 174 -22.62 17.62 30.49
C GLY D 174 -22.24 18.88 29.72
N ASN D 175 -21.92 19.98 30.41
CA ASN D 175 -21.55 21.20 29.71
C ASN D 175 -20.38 20.90 28.75
N ALA D 176 -19.46 20.07 29.23
CA ALA D 176 -18.30 19.65 28.44
C ALA D 176 -18.80 19.16 27.09
N THR D 177 -19.56 18.07 27.09
CA THR D 177 -20.10 17.51 25.85
C THR D 177 -20.99 18.52 25.09
N LEU D 178 -22.02 19.02 25.75
CA LEU D 178 -22.98 19.97 25.19
C LEU D 178 -22.38 21.08 24.30
N LEU D 179 -21.36 21.75 24.80
CA LEU D 179 -20.70 22.82 24.07
C LEU D 179 -19.92 22.39 22.82
N ARG D 180 -19.82 21.09 22.57
CA ARG D 180 -19.08 20.60 21.41
C ARG D 180 -19.78 20.83 20.07
N THR D 181 -19.00 20.80 19.00
CA THR D 181 -19.49 21.02 17.65
C THR D 181 -18.67 20.21 16.65
N ASP D 182 -19.21 20.12 15.44
CA ASP D 182 -18.56 19.44 14.34
C ASP D 182 -18.81 20.34 13.15
N SER D 183 -17.74 20.98 12.68
CA SER D 183 -17.81 21.90 11.55
C SER D 183 -18.33 21.26 10.26
N PRO D 184 -19.25 21.96 9.59
CA PRO D 184 -19.80 21.45 8.34
C PRO D 184 -18.76 21.53 7.24
N LYS D 185 -18.58 20.43 6.52
CA LYS D 185 -17.65 20.39 5.40
C LYS D 185 -18.60 20.65 4.26
N ALA D 186 -18.23 21.57 3.37
CA ALA D 186 -19.10 21.92 2.26
C ALA D 186 -18.41 21.92 0.90
N HIS D 187 -19.22 21.85 -0.14
CA HIS D 187 -18.73 21.86 -1.50
C HIS D 187 -19.92 22.16 -2.38
N VAL D 188 -19.65 22.43 -3.65
CA VAL D 188 -20.71 22.75 -4.59
C VAL D 188 -20.71 21.80 -5.79
N THR D 189 -21.86 21.19 -6.04
CA THR D 189 -21.99 20.27 -7.15
C THR D 189 -22.64 20.96 -8.33
N HIS D 190 -22.26 20.51 -9.52
CA HIS D 190 -22.76 21.05 -10.77
C HIS D 190 -23.58 19.98 -11.49
N HIS D 191 -24.85 20.25 -11.70
CA HIS D 191 -25.74 19.31 -12.38
C HIS D 191 -26.41 20.00 -13.55
N PRO D 192 -26.18 19.49 -14.77
CA PRO D 192 -26.70 19.98 -16.06
C PRO D 192 -28.19 19.96 -16.22
N ARG D 193 -28.91 20.20 -15.16
CA ARG D 193 -30.39 20.14 -15.18
C ARG D 193 -31.08 21.15 -16.13
N SER D 194 -30.73 21.12 -17.40
CA SER D 194 -31.45 21.92 -18.42
C SER D 194 -30.53 22.22 -19.60
N LYS D 195 -31.08 22.81 -20.63
CA LYS D 195 -30.27 23.27 -21.76
C LYS D 195 -30.19 24.78 -21.63
N GLY D 196 -28.97 25.32 -21.54
CA GLY D 196 -28.83 26.76 -21.38
C GLY D 196 -29.20 27.14 -19.95
N GLU D 197 -29.22 26.13 -19.07
CA GLU D 197 -29.53 26.29 -17.65
C GLU D 197 -28.90 25.14 -16.88
N VAL D 198 -28.41 25.44 -15.68
CA VAL D 198 -27.76 24.44 -14.83
C VAL D 198 -28.19 24.55 -13.36
N THR D 199 -27.97 23.48 -12.60
CA THR D 199 -28.33 23.48 -11.19
C THR D 199 -27.09 23.32 -10.34
N LEU D 200 -26.90 24.28 -9.43
CA LEU D 200 -25.77 24.26 -8.52
C LEU D 200 -26.32 23.86 -7.15
N ARG D 201 -25.73 22.84 -6.57
CA ARG D 201 -26.17 22.40 -5.26
C ARG D 201 -25.03 22.66 -4.30
N CYS D 202 -25.35 23.29 -3.18
CA CYS D 202 -24.32 23.57 -2.20
C CYS D 202 -24.56 22.56 -1.09
N TRP D 203 -23.51 21.88 -0.67
CA TRP D 203 -23.64 20.87 0.38
C TRP D 203 -22.94 21.20 1.68
N ALA D 204 -23.49 20.71 2.79
CA ALA D 204 -22.91 20.90 4.11
C ALA D 204 -23.05 19.53 4.81
N LEU D 205 -21.94 18.82 4.94
CA LEU D 205 -21.99 17.48 5.52
C LEU D 205 -21.25 17.26 6.84
N GLY D 206 -21.71 16.28 7.58
CA GLY D 206 -21.10 15.91 8.84
C GLY D 206 -21.02 16.99 9.89
N PHE D 207 -21.94 17.95 9.84
CA PHE D 207 -21.92 19.03 10.81
C PHE D 207 -22.73 18.68 12.03
N TYR D 208 -22.56 19.48 13.08
CA TYR D 208 -23.26 19.23 14.33
C TYR D 208 -23.03 20.40 15.27
N PRO D 209 -24.08 20.83 16.00
CA PRO D 209 -25.45 20.31 16.01
C PRO D 209 -26.23 20.56 14.73
N ALA D 210 -27.45 20.06 14.67
CA ALA D 210 -28.30 20.21 13.52
C ALA D 210 -28.51 21.64 13.05
N ASP D 211 -28.50 22.59 13.98
CA ASP D 211 -28.70 24.00 13.62
C ASP D 211 -27.66 24.41 12.60
N ILE D 212 -28.11 25.05 11.52
CA ILE D 212 -27.19 25.46 10.47
C ILE D 212 -27.95 26.34 9.47
N THR D 213 -27.23 27.14 8.70
CA THR D 213 -27.89 27.97 7.71
C THR D 213 -27.11 28.02 6.39
N LEU D 214 -27.81 27.74 5.29
CA LEU D 214 -27.17 27.75 3.97
C LEU D 214 -27.81 28.88 3.17
N THR D 215 -27.03 29.56 2.34
CA THR D 215 -27.56 30.65 1.54
C THR D 215 -26.93 30.72 0.17
N TRP D 216 -27.66 31.26 -0.78
CA TRP D 216 -27.14 31.44 -2.13
C TRP D 216 -27.22 32.93 -2.44
N GLN D 217 -26.43 33.39 -3.39
CA GLN D 217 -26.43 34.79 -3.78
C GLN D 217 -25.49 35.11 -4.93
N LEU D 218 -26.06 35.54 -6.06
CA LEU D 218 -25.27 35.94 -7.21
C LEU D 218 -24.79 37.33 -6.76
N ASN D 219 -23.58 37.40 -6.18
CA ASN D 219 -23.04 38.66 -5.64
C ASN D 219 -24.03 39.81 -5.80
N GLY D 220 -24.64 40.17 -4.67
CA GLY D 220 -25.64 41.21 -4.62
C GLY D 220 -26.64 40.68 -3.62
N GLU D 221 -27.91 41.04 -3.77
CA GLU D 221 -28.93 40.54 -2.83
C GLU D 221 -28.90 39.00 -2.85
N GLU D 222 -29.71 38.38 -2.00
CA GLU D 222 -29.75 36.92 -1.95
C GLU D 222 -30.66 36.29 -2.99
N LEU D 223 -30.70 34.97 -2.99
CA LEU D 223 -31.51 34.23 -3.93
C LEU D 223 -32.47 33.24 -3.26
N THR D 224 -33.75 33.61 -3.27
CA THR D 224 -34.79 32.76 -2.71
C THR D 224 -35.86 32.67 -3.81
N GLN D 225 -35.56 33.33 -4.92
CA GLN D 225 -36.45 33.34 -6.08
C GLN D 225 -36.09 32.20 -7.01
N ASP D 226 -35.76 31.05 -6.43
CA ASP D 226 -35.41 29.82 -7.16
C ASP D 226 -34.47 28.93 -6.38
N MET D 227 -34.39 29.13 -5.06
CA MET D 227 -33.54 28.30 -4.24
C MET D 227 -34.36 27.22 -3.59
N GLU D 228 -33.83 26.01 -3.62
CA GLU D 228 -34.46 24.83 -3.05
C GLU D 228 -33.63 24.51 -1.82
N LEU D 229 -34.30 24.34 -0.67
CA LEU D 229 -33.61 24.04 0.57
C LEU D 229 -34.26 22.85 1.27
N VAL D 230 -33.55 21.73 1.38
CA VAL D 230 -34.12 20.57 2.03
C VAL D 230 -34.02 20.68 3.55
N GLU D 231 -34.91 19.98 4.23
CA GLU D 231 -34.90 19.97 5.69
C GLU D 231 -33.59 19.34 6.12
N THR D 232 -32.98 19.87 7.19
CA THR D 232 -31.72 19.32 7.67
C THR D 232 -31.98 17.88 8.03
N ARG D 233 -31.02 17.00 7.80
CA ARG D 233 -31.22 15.60 8.13
C ARG D 233 -30.02 14.90 8.74
N PRO D 234 -30.27 13.82 9.50
CA PRO D 234 -29.28 12.98 10.18
C PRO D 234 -28.51 12.11 9.21
N ALA D 235 -27.19 12.05 9.38
CA ALA D 235 -26.34 11.24 8.52
C ALA D 235 -26.41 9.81 9.03
N GLY D 236 -26.83 9.67 10.28
CA GLY D 236 -26.95 8.38 10.89
C GLY D 236 -25.80 8.13 11.85
N ASP D 237 -24.73 8.92 11.71
CA ASP D 237 -23.57 8.76 12.57
C ASP D 237 -23.54 9.75 13.75
N GLY D 238 -24.57 10.58 13.88
CA GLY D 238 -24.61 11.55 14.97
C GLY D 238 -24.55 12.99 14.48
N THR D 239 -24.06 13.17 13.25
CA THR D 239 -23.97 14.49 12.64
C THR D 239 -25.14 14.71 11.69
N PHE D 240 -25.05 15.72 10.86
CA PHE D 240 -26.14 16.00 9.95
C PHE D 240 -25.69 16.51 8.59
N GLN D 241 -26.65 16.63 7.70
CA GLN D 241 -26.42 17.06 6.34
C GLN D 241 -27.55 17.98 5.91
N LYS D 242 -27.27 18.79 4.89
CA LYS D 242 -28.26 19.69 4.33
C LYS D 242 -27.70 20.28 3.02
N TRP D 243 -28.60 20.71 2.15
CA TRP D 243 -28.18 21.33 0.90
C TRP D 243 -29.21 22.30 0.40
N ALA D 244 -28.79 23.09 -0.58
CA ALA D 244 -29.63 24.09 -1.21
C ALA D 244 -29.08 24.27 -2.60
N SER D 245 -29.97 24.43 -3.57
CA SER D 245 -29.55 24.62 -4.94
C SER D 245 -30.32 25.75 -5.56
N VAL D 246 -29.93 26.13 -6.77
CA VAL D 246 -30.59 27.19 -7.51
C VAL D 246 -30.34 27.01 -9.00
N VAL D 247 -31.37 27.25 -9.81
CA VAL D 247 -31.20 27.12 -11.24
C VAL D 247 -30.33 28.29 -11.67
N VAL D 248 -29.45 28.04 -12.63
CA VAL D 248 -28.54 29.07 -13.11
C VAL D 248 -28.23 28.88 -14.58
N PRO D 249 -28.09 29.99 -15.32
CA PRO D 249 -27.79 29.89 -16.75
C PRO D 249 -26.40 29.28 -16.99
N LEU D 250 -26.38 28.19 -17.73
CA LEU D 250 -25.13 27.49 -18.06
C LEU D 250 -24.07 28.50 -18.49
N GLY D 251 -22.93 28.49 -17.80
CA GLY D 251 -21.85 29.41 -18.13
C GLY D 251 -21.67 30.60 -17.18
N LYS D 252 -22.55 30.71 -16.19
CA LYS D 252 -22.48 31.82 -15.24
C LYS D 252 -22.45 31.25 -13.82
N GLU D 253 -22.47 29.92 -13.73
CA GLU D 253 -22.47 29.21 -12.46
C GLU D 253 -21.39 29.68 -11.50
N GLN D 254 -20.15 29.66 -11.97
CA GLN D 254 -19.02 30.08 -11.14
C GLN D 254 -19.21 31.48 -10.55
N ASN D 255 -20.22 32.20 -11.03
CA ASN D 255 -20.46 33.55 -10.55
C ASN D 255 -21.41 33.61 -9.36
N TYR D 256 -21.89 32.45 -8.93
CA TYR D 256 -22.78 32.36 -7.76
C TYR D 256 -22.00 31.89 -6.55
N THR D 257 -22.37 32.38 -5.38
CA THR D 257 -21.66 32.03 -4.17
C THR D 257 -22.56 31.44 -3.10
N CYS D 258 -21.99 30.55 -2.29
CA CYS D 258 -22.72 29.89 -1.20
C CYS D 258 -22.09 30.23 0.14
N ARG D 259 -22.91 30.32 1.18
CA ARG D 259 -22.39 30.64 2.50
C ARG D 259 -22.97 29.70 3.54
N VAL D 260 -22.10 29.09 4.33
CA VAL D 260 -22.56 28.18 5.37
C VAL D 260 -22.39 28.83 6.73
N TYR D 261 -23.48 28.90 7.48
CA TYR D 261 -23.49 29.50 8.80
C TYR D 261 -23.72 28.43 9.87
N HIS D 262 -22.65 28.07 10.59
CA HIS D 262 -22.71 27.06 11.64
C HIS D 262 -21.77 27.50 12.77
N GLU D 263 -22.24 27.40 14.01
CA GLU D 263 -21.44 27.83 15.15
C GLU D 263 -20.29 26.90 15.52
N GLY D 264 -19.81 26.15 14.55
CA GLY D 264 -18.70 25.27 14.83
C GLY D 264 -17.61 25.78 13.94
N LEU D 265 -18.02 26.71 13.08
CA LEU D 265 -17.15 27.35 12.11
C LEU D 265 -16.63 28.66 12.69
N PRO D 266 -15.29 28.78 12.79
CA PRO D 266 -14.73 30.03 13.34
C PRO D 266 -15.31 31.25 12.62
N GLU D 267 -15.71 31.05 11.37
CA GLU D 267 -16.27 32.11 10.52
C GLU D 267 -17.21 31.53 9.46
N PRO D 268 -18.04 32.37 8.85
CA PRO D 268 -18.95 31.88 7.81
C PRO D 268 -18.19 31.48 6.56
N LEU D 269 -18.49 30.29 6.04
CA LEU D 269 -17.83 29.78 4.84
C LEU D 269 -18.40 30.42 3.58
N THR D 270 -17.53 30.67 2.61
CA THR D 270 -17.94 31.25 1.34
C THR D 270 -17.43 30.31 0.25
N LEU D 271 -18.36 29.68 -0.47
CA LEU D 271 -17.99 28.73 -1.51
C LEU D 271 -18.56 29.08 -2.86
N ARG D 272 -17.91 28.58 -3.90
CA ARG D 272 -18.28 28.82 -5.29
C ARG D 272 -18.05 27.55 -6.11
N TRP D 273 -18.78 27.38 -7.21
CA TRP D 273 -18.62 26.21 -8.07
C TRP D 273 -17.18 26.20 -8.58
N MET E 1 -58.18 11.05 11.01
CA MET E 1 -58.53 11.77 12.28
C MET E 1 -57.54 11.42 13.40
N ILE E 2 -56.39 10.87 13.01
CA ILE E 2 -55.33 10.48 13.95
C ILE E 2 -53.97 10.59 13.23
N GLN E 3 -53.97 11.17 12.01
CA GLN E 3 -52.75 11.26 11.21
C GLN E 3 -52.28 12.58 10.56
N LYS E 4 -51.24 12.44 9.72
CA LYS E 4 -50.60 13.53 8.97
C LYS E 4 -49.57 12.94 7.98
N THR E 5 -49.69 13.32 6.70
CA THR E 5 -48.82 12.82 5.61
C THR E 5 -47.30 12.86 5.77
N PRO E 6 -46.66 11.67 5.76
CA PRO E 6 -45.22 11.50 5.91
C PRO E 6 -44.37 12.10 4.80
N GLN E 7 -43.20 12.59 5.20
CA GLN E 7 -42.23 13.21 4.31
C GLN E 7 -41.04 12.28 4.22
N ILE E 8 -40.61 11.99 3.00
CA ILE E 8 -39.50 11.08 2.79
C ILE E 8 -38.28 11.70 2.13
N GLN E 9 -37.11 11.31 2.60
CA GLN E 9 -35.84 11.78 2.06
C GLN E 9 -34.84 10.62 2.01
N VAL E 10 -34.56 10.13 0.80
CA VAL E 10 -33.60 9.03 0.64
C VAL E 10 -32.21 9.60 0.31
N TYR E 11 -31.18 9.06 0.93
CA TYR E 11 -29.84 9.56 0.69
C TYR E 11 -28.76 8.70 1.36
N SER E 12 -27.56 8.74 0.81
CA SER E 12 -26.44 7.98 1.35
C SER E 12 -25.73 8.82 2.41
N ARG E 13 -25.16 8.17 3.42
CA ARG E 13 -24.47 8.91 4.45
C ARG E 13 -23.23 9.60 3.85
N HIS E 14 -22.41 8.83 3.16
CA HIS E 14 -21.20 9.35 2.54
C HIS E 14 -21.45 9.61 1.07
N PRO E 15 -20.78 10.62 0.51
CA PRO E 15 -20.99 10.90 -0.91
C PRO E 15 -20.87 9.59 -1.72
N PRO E 16 -21.88 9.31 -2.58
CA PRO E 16 -21.93 8.11 -3.42
C PRO E 16 -20.70 7.81 -4.28
N GLU E 17 -20.13 6.63 -4.10
CA GLU E 17 -18.95 6.19 -4.83
C GLU E 17 -19.17 4.81 -5.45
N ASN E 18 -19.40 4.78 -6.76
CA ASN E 18 -19.62 3.52 -7.47
C ASN E 18 -18.71 2.42 -6.97
N GLY E 19 -19.32 1.30 -6.57
CA GLY E 19 -18.54 0.20 -6.07
C GLY E 19 -18.24 0.34 -4.60
N LYS E 20 -17.76 1.52 -4.20
CA LYS E 20 -17.44 1.75 -2.80
C LYS E 20 -18.67 1.62 -1.89
N PRO E 21 -18.51 0.94 -0.75
CA PRO E 21 -19.60 0.73 0.22
C PRO E 21 -20.27 2.06 0.58
N ASN E 22 -21.36 1.97 1.33
CA ASN E 22 -22.10 3.16 1.70
C ASN E 22 -23.39 2.79 2.41
N ILE E 23 -23.91 3.71 3.21
CA ILE E 23 -25.14 3.50 3.96
C ILE E 23 -26.28 4.31 3.36
N LEU E 24 -27.38 3.63 3.02
CA LEU E 24 -28.54 4.29 2.46
C LEU E 24 -29.46 4.66 3.62
N ASN E 25 -29.92 5.91 3.63
CA ASN E 25 -30.82 6.35 4.67
C ASN E 25 -32.18 6.68 4.09
N CYS E 26 -33.22 6.47 4.89
CA CYS E 26 -34.57 6.84 4.48
C CYS E 26 -35.10 7.53 5.72
N TYR E 27 -35.14 8.87 5.65
CA TYR E 27 -35.59 9.68 6.76
C TYR E 27 -37.08 9.96 6.58
N VAL E 28 -37.91 9.36 7.42
CA VAL E 28 -39.35 9.58 7.28
C VAL E 28 -39.76 10.54 8.38
N THR E 29 -40.57 11.52 8.04
CA THR E 29 -40.93 12.54 8.99
C THR E 29 -42.31 13.14 8.81
N GLN E 30 -42.76 13.88 9.81
CA GLN E 30 -44.05 14.56 9.73
C GLN E 30 -45.26 13.64 9.82
N PHE E 31 -45.06 12.40 10.25
CA PHE E 31 -46.17 11.47 10.32
C PHE E 31 -46.74 11.26 11.71
N HIS E 32 -47.94 10.70 11.72
CA HIS E 32 -48.69 10.41 12.94
C HIS E 32 -49.92 9.74 12.34
N PRO E 33 -50.42 8.64 12.93
CA PRO E 33 -49.99 7.90 14.11
C PRO E 33 -48.58 7.37 13.94
N PRO E 34 -47.96 6.94 15.03
CA PRO E 34 -46.60 6.41 14.94
C PRO E 34 -46.55 4.92 14.51
N HIS E 35 -47.41 4.55 13.57
CA HIS E 35 -47.42 3.18 13.04
C HIS E 35 -47.03 3.44 11.62
N ILE E 36 -45.93 2.86 11.17
CA ILE E 36 -45.51 3.12 9.82
C ILE E 36 -44.73 1.91 9.34
N GLU E 37 -44.81 1.64 8.04
CA GLU E 37 -44.10 0.52 7.45
C GLU E 37 -43.14 1.08 6.40
N ILE E 38 -41.86 0.83 6.59
CA ILE E 38 -40.83 1.32 5.68
C ILE E 38 -39.99 0.20 5.12
N GLN E 39 -39.80 0.21 3.81
CA GLN E 39 -38.99 -0.78 3.12
C GLN E 39 -38.01 -0.08 2.19
N MET E 40 -36.86 -0.73 1.98
CA MET E 40 -35.86 -0.19 1.10
C MET E 40 -35.68 -1.16 -0.07
N LEU E 41 -36.00 -0.68 -1.28
CA LEU E 41 -35.91 -1.53 -2.47
C LEU E 41 -34.63 -1.40 -3.25
N LYS E 42 -34.23 -2.51 -3.86
CA LYS E 42 -33.05 -2.56 -4.71
C LYS E 42 -33.59 -3.15 -6.00
N ASN E 43 -33.96 -2.30 -6.94
CA ASN E 43 -34.52 -2.76 -8.20
C ASN E 43 -35.90 -3.35 -7.90
N GLY E 44 -36.76 -2.58 -7.24
CA GLY E 44 -38.10 -3.04 -6.92
C GLY E 44 -38.11 -4.20 -5.92
N LYS E 45 -36.95 -4.83 -5.72
CA LYS E 45 -36.78 -5.96 -4.81
C LYS E 45 -36.45 -5.56 -3.39
N LYS E 46 -37.36 -5.86 -2.48
CA LYS E 46 -37.19 -5.54 -1.07
C LYS E 46 -35.80 -5.91 -0.56
N ILE E 47 -35.21 -5.03 0.24
CA ILE E 47 -33.89 -5.29 0.80
C ILE E 47 -34.07 -5.83 2.22
N PRO E 48 -33.48 -6.99 2.51
CA PRO E 48 -33.62 -7.55 3.87
C PRO E 48 -32.88 -6.66 4.87
N LYS E 49 -32.65 -7.18 6.07
CA LYS E 49 -31.93 -6.48 7.14
C LYS E 49 -31.90 -4.95 6.96
N VAL E 50 -33.05 -4.29 7.11
CA VAL E 50 -33.13 -2.82 6.99
C VAL E 50 -33.30 -2.22 8.39
N GLU E 51 -32.24 -1.61 8.91
CA GLU E 51 -32.28 -1.02 10.24
C GLU E 51 -33.23 0.15 10.48
N MET E 52 -33.94 0.09 11.59
CA MET E 52 -34.85 1.15 11.96
C MET E 52 -34.20 1.87 13.12
N SER E 53 -34.17 3.20 13.07
CA SER E 53 -33.58 3.96 14.15
C SER E 53 -34.68 4.04 15.18
N ASP E 54 -34.40 4.76 16.26
CA ASP E 54 -35.41 4.92 17.30
C ASP E 54 -36.27 6.08 16.85
N MET E 55 -37.55 5.98 17.16
CA MET E 55 -38.54 6.98 16.77
C MET E 55 -38.54 8.15 17.73
N SER E 56 -39.01 9.30 17.27
CA SER E 56 -39.05 10.45 18.14
C SER E 56 -40.11 11.35 17.56
N PHE E 57 -40.56 12.35 18.32
CA PHE E 57 -41.56 13.26 17.78
C PHE E 57 -41.27 14.72 18.07
N SER E 58 -41.65 15.60 17.15
CA SER E 58 -41.43 17.01 17.28
C SER E 58 -42.47 17.71 18.17
N LYS E 59 -42.19 18.97 18.50
CA LYS E 59 -43.11 19.73 19.35
C LYS E 59 -44.45 19.98 18.65
N ASP E 60 -44.57 19.57 17.40
CA ASP E 60 -45.84 19.72 16.69
C ASP E 60 -46.52 18.33 16.79
N TRP E 61 -45.93 17.50 17.65
CA TRP E 61 -46.41 16.14 17.94
C TRP E 61 -46.12 15.07 16.90
N SER E 62 -45.87 15.44 15.64
CA SER E 62 -45.62 14.41 14.62
C SER E 62 -44.36 13.63 14.94
N PHE E 63 -44.22 12.44 14.36
CA PHE E 63 -43.05 11.61 14.64
C PHE E 63 -42.11 11.55 13.46
N TYR E 64 -40.86 11.22 13.74
CA TYR E 64 -39.86 11.08 12.70
C TYR E 64 -39.03 9.83 13.01
N ILE E 65 -38.37 9.28 12.01
CA ILE E 65 -37.59 8.07 12.22
C ILE E 65 -36.61 7.90 11.09
N LEU E 66 -35.53 7.16 11.33
CA LEU E 66 -34.55 6.94 10.29
C LEU E 66 -34.40 5.45 9.97
N ALA E 67 -34.83 5.05 8.78
CA ALA E 67 -34.71 3.66 8.34
C ALA E 67 -33.37 3.67 7.60
N HIS E 68 -32.58 2.61 7.72
CA HIS E 68 -31.29 2.61 7.03
C HIS E 68 -30.64 1.25 6.87
N THR E 69 -29.85 1.11 5.82
CA THR E 69 -29.16 -0.14 5.54
C THR E 69 -27.94 0.09 4.67
N GLU E 70 -27.01 -0.87 4.70
CA GLU E 70 -25.80 -0.77 3.90
C GLU E 70 -26.11 -1.10 2.44
N PHE E 71 -25.49 -0.37 1.52
CA PHE E 71 -25.69 -0.62 0.10
C PHE E 71 -24.41 -0.28 -0.65
N THR E 72 -24.55 -0.04 -1.95
CA THR E 72 -23.44 0.32 -2.81
C THR E 72 -24.00 0.81 -4.12
N PRO E 73 -23.72 2.06 -4.48
CA PRO E 73 -24.26 2.56 -5.76
C PRO E 73 -23.58 1.85 -6.93
N THR E 74 -24.15 1.99 -8.13
CA THR E 74 -23.60 1.38 -9.34
C THR E 74 -24.43 1.71 -10.57
N GLU E 75 -23.96 2.67 -11.34
CA GLU E 75 -24.59 3.11 -12.57
C GLU E 75 -26.05 2.77 -12.83
N THR E 76 -26.40 1.48 -12.82
CA THR E 76 -27.77 1.04 -13.09
C THR E 76 -28.48 0.27 -11.96
N ASP E 77 -27.83 0.13 -10.81
CA ASP E 77 -28.45 -0.58 -9.72
C ASP E 77 -29.31 0.43 -8.95
N THR E 78 -30.61 0.45 -9.28
CA THR E 78 -31.58 1.38 -8.70
C THR E 78 -32.08 1.07 -7.27
N TYR E 79 -32.08 2.10 -6.42
CA TYR E 79 -32.53 1.97 -5.03
C TYR E 79 -33.76 2.83 -4.73
N ALA E 80 -34.45 2.53 -3.63
CA ALA E 80 -35.64 3.30 -3.27
C ALA E 80 -36.13 3.09 -1.84
N CYS E 81 -37.10 3.90 -1.44
CA CYS E 81 -37.68 3.77 -0.11
C CYS E 81 -39.18 3.72 -0.32
N ARG E 82 -39.85 2.76 0.33
CA ARG E 82 -41.28 2.62 0.20
C ARG E 82 -41.92 2.71 1.56
N VAL E 83 -42.89 3.62 1.67
CA VAL E 83 -43.58 3.89 2.91
C VAL E 83 -45.09 3.72 2.82
N LYS E 84 -45.67 3.11 3.86
CA LYS E 84 -47.13 2.94 3.95
C LYS E 84 -47.55 3.52 5.28
N HIS E 85 -48.53 4.41 5.25
CA HIS E 85 -49.01 5.04 6.47
C HIS E 85 -50.53 5.23 6.41
N ASP E 86 -51.19 4.94 7.52
CA ASP E 86 -52.65 5.07 7.58
C ASP E 86 -53.10 6.50 7.34
N SER E 87 -52.34 7.27 6.58
CA SER E 87 -52.69 8.66 6.29
C SER E 87 -52.75 8.88 4.79
N MET E 88 -52.18 7.94 4.03
CA MET E 88 -52.17 8.01 2.58
C MET E 88 -52.90 6.80 2.03
N ALA E 89 -53.71 7.01 1.00
CA ALA E 89 -54.47 5.92 0.40
C ALA E 89 -53.62 4.84 -0.25
N GLU E 90 -52.33 5.10 -0.43
CA GLU E 90 -51.42 4.13 -1.04
C GLU E 90 -49.97 4.39 -0.65
N PRO E 91 -49.14 3.33 -0.60
CA PRO E 91 -47.74 3.54 -0.23
C PRO E 91 -47.02 4.47 -1.20
N LYS E 92 -46.14 5.29 -0.64
CA LYS E 92 -45.35 6.25 -1.41
C LYS E 92 -43.97 5.65 -1.63
N THR E 93 -43.49 5.72 -2.87
CA THR E 93 -42.20 5.17 -3.18
C THR E 93 -41.31 6.26 -3.77
N VAL E 94 -40.20 6.57 -3.10
CA VAL E 94 -39.30 7.58 -3.58
C VAL E 94 -37.95 6.96 -3.92
N TYR E 95 -37.42 7.34 -5.07
CA TYR E 95 -36.16 6.81 -5.56
C TYR E 95 -34.99 7.70 -5.24
N TRP E 96 -33.88 7.04 -4.91
CA TRP E 96 -32.63 7.72 -4.59
C TRP E 96 -32.10 8.48 -5.81
N ASP E 97 -31.41 9.58 -5.56
CA ASP E 97 -30.84 10.38 -6.62
C ASP E 97 -29.51 10.87 -6.11
N ARG E 98 -28.45 10.09 -6.33
CA ARG E 98 -27.12 10.45 -5.85
C ARG E 98 -26.81 11.94 -5.73
N ASP E 99 -27.44 12.76 -6.58
CA ASP E 99 -27.23 14.20 -6.56
C ASP E 99 -28.17 14.92 -5.59
N MET E 100 -28.75 14.17 -4.66
CA MET E 100 -29.67 14.73 -3.67
C MET E 100 -29.59 14.01 -2.35
N SER F 1 -34.32 13.87 35.39
CA SER F 1 -35.22 13.10 36.28
C SER F 1 -36.61 13.13 35.70
N ALA F 2 -37.15 11.97 35.36
CA ALA F 2 -38.48 11.90 34.75
C ALA F 2 -39.64 12.30 35.65
N VAL F 3 -40.69 12.84 35.04
CA VAL F 3 -41.89 13.27 35.74
C VAL F 3 -42.61 12.02 36.22
N TYR F 4 -43.61 12.22 37.07
CA TYR F 4 -44.43 11.14 37.58
C TYR F 4 -45.82 11.74 37.56
N ASN F 5 -46.68 11.27 36.67
CA ASN F 5 -48.01 11.82 36.56
C ASN F 5 -48.88 11.56 37.79
N PHE F 6 -49.91 12.38 37.94
CA PHE F 6 -50.80 12.30 39.08
C PHE F 6 -52.04 11.51 38.73
N ALA F 7 -53.21 12.11 38.95
CA ALA F 7 -54.47 11.48 38.62
C ALA F 7 -54.46 11.14 37.15
N THR F 8 -54.94 9.96 36.81
CA THR F 8 -54.99 9.56 35.41
C THR F 8 -55.89 10.55 34.67
N MET F 9 -56.00 10.42 33.36
CA MET F 9 -56.83 11.35 32.61
C MET F 9 -58.30 11.01 32.79
#